data_1JAL
#
_entry.id   1JAL
#
_cell.length_a   61.000
_cell.length_b   93.600
_cell.length_c   85.200
_cell.angle_alpha   90.00
_cell.angle_beta   100.10
_cell.angle_gamma   90.00
#
_symmetry.space_group_name_H-M   'P 1 21 1'
#
loop_
_entity.id
_entity.type
_entity.pdbx_description
1 polymer 'YchF protein'
2 water water
#
_entity_poly.entity_id   1
_entity_poly.type   'polypeptide(L)'
_entity_poly.pdbx_seq_one_letter_code
;MGFKCGIVGLPNVGKSTLFNALTKAGIEAANYPFCTIEPNTGVVPMPDPRLDALAEIVKPERILPTTMEFVDIAGLVAGA
SKGEGLGNKFLANIRETDAIGHVVRCFENDDIVHVAGKIDPLDDIDTINTELALADLDSCERAIQRLQKRAKGGDKEAKF
ELSVMEKILPVLENAGMIRSVGLDKEELQAIKSYNFLTLKPTMYIANVNEDGFENNPYLDRVREIAAKEGAVVVPVCAAI
ESEIAELDDEEKVEFLQDLGIEEPGLNRVIRAGYALLNLQTYFTAGVKEVRAWTVSVGATAPKAAAVIHTDFEKGFIRAE
VIAYEDFIQFNGENGAKEAGKWRLEGKDYIVQDGDVMHFRFNV
;
_entity_poly.pdbx_strand_id   A,B
#
# COMPACT_ATOMS: atom_id res chain seq x y z
N MET A 1 27.38 9.93 4.10
CA MET A 1 26.25 10.04 5.05
C MET A 1 26.35 8.87 6.02
N GLY A 2 26.66 7.69 5.49
CA GLY A 2 27.15 6.61 6.32
C GLY A 2 28.11 5.78 5.47
N PHE A 3 27.75 5.70 4.20
CA PHE A 3 28.73 5.42 3.20
C PHE A 3 28.70 3.97 2.83
N LYS A 4 27.64 3.24 3.22
CA LYS A 4 27.38 1.86 2.70
C LYS A 4 26.13 1.57 1.84
N CYS A 5 26.35 0.98 0.67
CA CYS A 5 25.26 0.40 -0.14
C CYS A 5 25.31 -1.12 -0.07
N GLY A 6 24.21 -1.77 0.29
CA GLY A 6 24.19 -3.21 0.30
C GLY A 6 23.70 -3.74 -1.03
N ILE A 7 24.41 -4.73 -1.59
CA ILE A 7 23.98 -5.33 -2.85
C ILE A 7 23.07 -6.50 -2.55
N VAL A 8 21.85 -6.47 -3.05
CA VAL A 8 20.98 -7.59 -2.80
C VAL A 8 20.56 -8.23 -4.10
N GLY A 9 20.03 -9.44 -4.02
CA GLY A 9 19.59 -10.17 -5.18
C GLY A 9 19.15 -11.61 -4.86
N LEU A 10 18.22 -12.09 -5.68
CA LEU A 10 17.78 -13.48 -5.76
C LEU A 10 18.91 -14.38 -6.16
N PRO A 11 18.80 -15.66 -5.84
CA PRO A 11 19.95 -16.55 -5.81
C PRO A 11 20.68 -16.70 -7.16
N ASN A 12 20.00 -16.57 -8.30
CA ASN A 12 20.75 -16.86 -9.54
C ASN A 12 20.74 -15.73 -10.58
N VAL A 13 21.35 -14.60 -10.22
CA VAL A 13 20.99 -13.37 -10.90
C VAL A 13 22.25 -12.54 -11.23
N GLY A 14 23.40 -13.08 -10.89
CA GLY A 14 24.65 -12.44 -11.23
C GLY A 14 25.16 -11.60 -10.09
N LYS A 15 24.45 -11.58 -8.96
CA LYS A 15 24.89 -10.69 -7.90
C LYS A 15 26.36 -10.96 -7.70
N SER A 16 26.70 -12.24 -7.83
CA SER A 16 27.99 -12.79 -7.44
C SER A 16 29.08 -12.37 -8.40
N THR A 17 28.78 -12.38 -9.71
CA THR A 17 29.78 -12.06 -10.74
C THR A 17 30.14 -10.61 -10.58
N LEU A 18 29.16 -9.87 -10.11
CA LEU A 18 29.16 -8.44 -10.08
C LEU A 18 29.95 -7.99 -8.86
N PHE A 19 29.71 -8.66 -7.73
CA PHE A 19 30.35 -8.24 -6.49
C PHE A 19 31.81 -8.71 -6.46
N ASN A 20 32.16 -9.60 -7.39
CA ASN A 20 33.56 -10.03 -7.50
C ASN A 20 34.36 -9.12 -8.45
N ALA A 21 33.79 -8.79 -9.59
CA ALA A 21 34.24 -7.59 -10.29
C ALA A 21 34.57 -6.49 -9.29
N LEU A 22 33.66 -6.17 -8.37
CA LEU A 22 33.82 -5.02 -7.45
C LEU A 22 35.00 -5.21 -6.51
N THR A 23 35.39 -6.45 -6.24
CA THR A 23 36.38 -6.71 -5.17
C THR A 23 37.83 -6.88 -5.62
N LYS A 24 38.03 -7.60 -6.73
CA LYS A 24 39.26 -7.48 -7.51
C LYS A 24 39.81 -6.07 -7.32
N ALA A 25 39.13 -5.10 -7.91
CA ALA A 25 39.65 -3.76 -8.08
C ALA A 25 39.48 -2.86 -6.84
N GLY A 26 39.87 -3.36 -5.68
CA GLY A 26 39.90 -2.54 -4.47
C GLY A 26 41.26 -2.56 -3.80
N PRO A 33 46.57 7.19 -7.63
CA PRO A 33 47.96 7.07 -7.20
C PRO A 33 48.06 6.57 -5.75
N PHE A 34 48.79 7.30 -4.90
CA PHE A 34 49.49 6.72 -3.74
C PHE A 34 48.63 6.64 -2.47
N CYS A 35 47.59 5.81 -2.52
CA CYS A 35 46.70 5.60 -1.38
C CYS A 35 46.48 4.10 -1.16
N THR A 36 46.76 3.63 0.05
CA THR A 36 46.54 2.22 0.41
C THR A 36 45.31 2.04 1.31
N ILE A 37 44.17 1.72 0.70
CA ILE A 37 42.96 1.35 1.43
C ILE A 37 42.84 -0.16 1.63
N GLU A 38 42.86 -0.60 2.89
CA GLU A 38 42.87 -2.03 3.22
C GLU A 38 41.94 -2.39 4.39
N PRO A 39 40.73 -1.84 4.39
CA PRO A 39 39.62 -2.38 5.19
C PRO A 39 38.38 -2.66 4.31
N ASN A 40 38.58 -3.49 3.28
CA ASN A 40 37.87 -3.38 2.00
C ASN A 40 37.03 -4.62 1.64
N THR A 41 36.20 -5.08 2.57
CA THR A 41 35.16 -6.05 2.24
C THR A 41 34.09 -5.44 1.31
N GLY A 42 34.55 -4.52 0.44
CA GLY A 42 33.67 -3.89 -0.55
C GLY A 42 33.91 -2.40 -0.74
N VAL A 43 35.03 -1.91 -0.21
CA VAL A 43 35.42 -0.52 -0.40
C VAL A 43 36.22 -0.35 -1.66
N VAL A 44 35.74 0.50 -2.57
CA VAL A 44 36.52 0.82 -3.75
C VAL A 44 36.78 2.34 -3.97
N PRO A 45 37.78 2.65 -4.77
CA PRO A 45 38.06 4.03 -5.14
C PRO A 45 36.97 4.48 -6.10
N MET A 46 36.43 5.66 -5.89
CA MET A 46 35.50 6.24 -6.86
C MET A 46 36.24 6.45 -8.18
N PRO A 47 35.71 5.91 -9.26
CA PRO A 47 36.31 6.11 -10.57
C PRO A 47 35.78 7.41 -11.11
N ASP A 48 36.65 8.40 -11.29
CA ASP A 48 36.14 9.71 -11.65
C ASP A 48 37.07 10.41 -12.61
N PRO A 49 36.68 10.46 -13.88
CA PRO A 49 37.56 11.02 -14.92
C PRO A 49 37.79 12.53 -14.75
N ARG A 50 36.96 13.26 -14.00
CA ARG A 50 37.37 14.58 -13.54
C ARG A 50 38.79 14.57 -12.85
N LEU A 51 39.14 13.50 -12.13
CA LEU A 51 40.46 13.46 -11.48
C LEU A 51 41.60 13.61 -12.45
N ASP A 52 41.63 12.72 -13.46
CA ASP A 52 42.71 12.75 -14.45
C ASP A 52 42.68 14.05 -15.26
N ALA A 53 41.50 14.53 -15.61
CA ALA A 53 41.36 15.81 -16.28
C ALA A 53 41.99 16.91 -15.43
N LEU A 54 41.64 16.97 -14.14
CA LEU A 54 42.33 17.91 -13.24
C LEU A 54 43.82 17.64 -13.17
N ALA A 55 44.22 16.38 -13.02
CA ALA A 55 45.66 16.02 -13.02
C ALA A 55 46.40 16.55 -14.23
N GLU A 56 45.77 16.48 -15.40
CA GLU A 56 46.42 16.89 -16.65
C GLU A 56 46.78 18.38 -16.64
N ILE A 57 45.92 19.18 -16.06
CA ILE A 57 46.20 20.60 -15.96
C ILE A 57 47.26 20.86 -14.92
N VAL A 58 47.15 20.15 -13.80
CA VAL A 58 47.82 20.57 -12.56
C VAL A 58 49.19 19.87 -12.43
N LYS A 59 49.29 18.64 -12.91
CA LYS A 59 50.55 17.93 -12.85
C LYS A 59 50.98 17.72 -11.40
N PRO A 60 50.09 17.13 -10.62
CA PRO A 60 50.35 16.93 -9.19
C PRO A 60 51.26 15.73 -8.93
N GLU A 61 51.96 15.66 -7.79
CA GLU A 61 52.72 14.44 -7.50
C GLU A 61 51.83 13.25 -7.21
N ARG A 62 50.65 13.52 -6.69
CA ARG A 62 49.74 12.46 -6.33
C ARG A 62 48.30 12.81 -6.67
N ILE A 63 47.50 11.77 -6.78
CA ILE A 63 46.12 11.87 -7.12
C ILE A 63 45.43 10.93 -6.16
N LEU A 64 44.38 11.42 -5.49
CA LEU A 64 43.80 10.73 -4.33
C LEU A 64 42.33 10.71 -4.57
N PRO A 65 41.77 9.63 -5.09
CA PRO A 65 40.34 9.58 -5.31
C PRO A 65 39.68 9.43 -3.97
N THR A 66 38.34 9.52 -3.92
CA THR A 66 37.61 9.14 -2.73
C THR A 66 37.10 7.72 -2.84
N THR A 67 36.32 7.27 -1.85
CA THR A 67 35.82 5.90 -1.87
C THR A 67 34.30 5.75 -1.74
N MET A 68 33.89 4.55 -2.10
CA MET A 68 32.49 4.11 -2.13
C MET A 68 32.55 2.72 -1.47
N GLU A 69 31.72 2.48 -0.46
CA GLU A 69 31.65 1.15 0.16
C GLU A 69 30.39 0.41 -0.25
N PHE A 70 30.59 -0.80 -0.75
CA PHE A 70 29.52 -1.68 -1.13
C PHE A 70 29.61 -2.87 -0.18
N VAL A 71 28.47 -3.54 0.06
CA VAL A 71 28.45 -4.64 0.98
C VAL A 71 27.55 -5.73 0.41
N ASP A 72 28.14 -6.91 0.26
CA ASP A 72 27.49 -8.03 -0.37
C ASP A 72 26.57 -8.81 0.60
N ILE A 73 25.27 -8.59 0.48
CA ILE A 73 24.36 -8.94 1.56
C ILE A 73 24.29 -10.49 1.66
N ALA A 74 24.90 -11.06 2.71
CA ALA A 74 24.78 -12.48 3.07
C ALA A 74 23.37 -12.92 3.48
N GLY A 75 23.01 -14.16 3.15
CA GLY A 75 21.89 -14.84 3.79
C GLY A 75 20.79 -15.06 2.78
N LEU A 76 19.78 -15.83 3.16
CA LEU A 76 18.78 -16.30 2.19
C LEU A 76 17.54 -15.43 2.26
N VAL A 77 16.84 -15.34 1.13
CA VAL A 77 15.87 -14.31 0.92
C VAL A 77 14.47 -14.83 1.24
N ALA A 78 14.23 -16.07 0.86
CA ALA A 78 12.88 -16.55 0.60
C ALA A 78 11.91 -16.39 1.77
N GLY A 79 12.34 -16.63 2.98
CA GLY A 79 11.52 -16.21 4.13
C GLY A 79 12.37 -15.48 5.15
N ALA A 80 13.08 -14.41 4.75
CA ALA A 80 13.99 -13.75 5.65
C ALA A 80 13.20 -13.28 6.90
N SER A 81 11.97 -12.90 6.72
CA SER A 81 11.36 -12.22 7.85
C SER A 81 11.15 -13.30 8.93
N LYS A 82 10.35 -14.32 8.64
CA LYS A 82 10.23 -15.44 9.59
C LYS A 82 11.57 -15.98 9.99
N GLY A 83 12.45 -16.17 9.00
CA GLY A 83 13.72 -16.84 9.19
C GLY A 83 14.70 -16.32 10.26
N GLU A 84 14.42 -15.12 10.74
CA GLU A 84 15.43 -14.37 11.49
C GLU A 84 15.50 -14.95 12.88
N GLY A 85 14.34 -15.32 13.39
CA GLY A 85 14.29 -16.12 14.59
C GLY A 85 15.07 -17.42 14.52
N LEU A 86 15.50 -17.84 13.32
CA LEU A 86 16.16 -19.13 13.16
C LEU A 86 17.67 -18.95 12.97
N GLY A 87 18.08 -17.68 12.93
CA GLY A 87 19.46 -17.25 12.73
C GLY A 87 19.78 -16.74 11.30
N ASN A 88 18.80 -16.71 10.39
CA ASN A 88 19.02 -15.94 9.15
C ASN A 88 19.41 -14.43 9.23
N LYS A 89 20.46 -14.02 8.53
CA LYS A 89 21.00 -12.67 8.69
C LYS A 89 20.74 -11.72 7.50
N PHE A 90 20.06 -12.18 6.47
CA PHE A 90 19.62 -11.30 5.41
C PHE A 90 19.26 -9.94 5.94
N LEU A 91 18.20 -9.85 6.75
CA LEU A 91 17.69 -8.58 7.27
C LEU A 91 18.66 -7.79 8.16
N ALA A 92 19.35 -8.45 9.06
CA ALA A 92 20.24 -7.69 9.97
C ALA A 92 21.39 -7.13 9.15
N ASN A 93 21.79 -7.89 8.14
CA ASN A 93 22.84 -7.44 7.25
C ASN A 93 22.46 -6.16 6.50
N ILE A 94 21.32 -6.22 5.81
CA ILE A 94 20.66 -5.01 5.32
C ILE A 94 20.54 -3.85 6.33
N ARG A 95 20.23 -4.14 7.59
CA ARG A 95 20.24 -3.08 8.63
C ARG A 95 21.54 -2.28 8.75
N GLU A 96 22.67 -2.90 8.46
CA GLU A 96 23.90 -2.16 8.71
C GLU A 96 24.25 -1.25 7.54
N THR A 97 23.38 -1.18 6.54
CA THR A 97 23.66 -0.36 5.38
C THR A 97 22.74 0.84 5.18
N ASP A 98 23.07 1.67 4.20
CA ASP A 98 22.45 2.97 4.16
C ASP A 98 21.57 3.08 2.94
N ALA A 99 21.81 2.18 1.99
CA ALA A 99 20.97 2.02 0.83
C ALA A 99 21.14 0.68 0.19
N ILE A 100 20.38 0.46 -0.86
CA ILE A 100 20.18 -0.86 -1.37
C ILE A 100 20.38 -0.88 -2.86
N GLY A 101 21.35 -1.64 -3.35
CA GLY A 101 21.49 -1.84 -4.80
C GLY A 101 20.95 -3.24 -5.12
N HIS A 102 19.88 -3.23 -5.90
CA HIS A 102 18.99 -4.38 -5.99
C HIS A 102 19.18 -5.03 -7.37
N VAL A 103 19.92 -6.14 -7.40
CA VAL A 103 20.23 -6.76 -8.67
C VAL A 103 19.03 -7.51 -9.25
N VAL A 104 18.73 -7.26 -10.51
CA VAL A 104 17.55 -7.86 -11.12
C VAL A 104 17.94 -8.58 -12.38
N ARG A 105 17.65 -9.89 -12.44
CA ARG A 105 18.01 -10.65 -13.64
C ARG A 105 17.23 -10.18 -14.87
N CYS A 106 17.94 -9.64 -15.84
CA CYS A 106 17.27 -8.92 -16.88
C CYS A 106 17.43 -9.60 -18.26
N PHE A 107 17.63 -10.93 -18.20
CA PHE A 107 17.54 -11.83 -19.35
C PHE A 107 16.70 -13.06 -19.04
N GLU A 108 16.56 -13.95 -20.02
CA GLU A 108 15.71 -15.13 -19.90
C GLU A 108 16.36 -16.26 -19.10
N ASN A 109 15.69 -17.40 -19.02
CA ASN A 109 15.97 -18.36 -17.96
C ASN A 109 15.74 -17.73 -16.59
N ILE A 119 8.30 -14.82 -16.68
CA ILE A 119 8.54 -14.13 -15.42
C ILE A 119 8.79 -12.60 -15.55
N ASP A 120 7.73 -11.81 -15.37
CA ASP A 120 7.76 -10.43 -14.86
C ASP A 120 8.84 -10.16 -13.80
N PRO A 121 9.81 -9.34 -14.17
CA PRO A 121 10.82 -8.81 -13.22
C PRO A 121 10.21 -8.39 -11.86
N LEU A 122 9.00 -7.83 -11.90
CA LEU A 122 8.30 -7.43 -10.68
C LEU A 122 8.14 -8.54 -9.64
N ASP A 123 7.82 -9.77 -10.07
CA ASP A 123 7.76 -10.92 -9.17
C ASP A 123 9.06 -11.11 -8.43
N ASP A 124 10.16 -10.90 -9.15
CA ASP A 124 11.49 -11.13 -8.56
C ASP A 124 11.72 -10.05 -7.52
N ILE A 125 11.44 -8.81 -7.91
CA ILE A 125 11.73 -7.66 -7.08
C ILE A 125 10.85 -7.78 -5.84
N ASP A 126 9.61 -8.20 -6.07
CA ASP A 126 8.62 -8.44 -5.01
C ASP A 126 9.07 -9.52 -4.00
N THR A 127 9.86 -10.50 -4.46
CA THR A 127 10.25 -11.54 -3.55
C THR A 127 10.99 -10.92 -2.35
N ILE A 128 11.93 -10.05 -2.63
CA ILE A 128 12.72 -9.41 -1.59
C ILE A 128 11.89 -8.32 -0.84
N ASN A 129 11.05 -7.54 -1.54
CA ASN A 129 10.41 -6.40 -0.90
C ASN A 129 9.34 -6.80 0.08
N THR A 130 8.83 -8.02 -0.15
CA THR A 130 7.88 -8.64 0.73
C THR A 130 8.53 -8.88 2.07
N GLU A 131 9.75 -9.40 2.05
CA GLU A 131 10.44 -9.75 3.28
C GLU A 131 10.85 -8.47 4.03
N LEU A 132 11.33 -7.44 3.32
CA LEU A 132 11.61 -6.11 3.93
C LEU A 132 10.37 -5.45 4.56
N ALA A 133 9.26 -5.51 3.84
CA ALA A 133 8.01 -4.90 4.35
C ALA A 133 7.49 -5.66 5.54
N LEU A 134 7.64 -6.98 5.50
CA LEU A 134 7.14 -7.85 6.58
C LEU A 134 7.93 -7.56 7.87
N ALA A 135 9.24 -7.48 7.77
CA ALA A 135 10.05 -7.09 8.93
C ALA A 135 9.68 -5.67 9.42
N ASP A 136 9.43 -4.74 8.49
CA ASP A 136 9.14 -3.38 8.94
C ASP A 136 7.74 -3.41 9.68
N LEU A 137 6.77 -4.10 9.09
CA LEU A 137 5.47 -4.33 9.75
C LEU A 137 5.54 -4.78 11.16
N ASP A 138 6.38 -5.79 11.41
CA ASP A 138 6.59 -6.32 12.75
C ASP A 138 7.17 -5.29 13.73
N SER A 139 8.18 -4.53 13.26
CA SER A 139 8.70 -3.37 13.96
C SER A 139 7.61 -2.36 14.20
N CYS A 140 6.84 -2.08 13.15
CA CYS A 140 5.85 -1.01 13.25
C CYS A 140 4.76 -1.38 14.27
N GLU A 141 4.33 -2.64 14.26
CA GLU A 141 3.28 -3.19 15.13
C GLU A 141 3.75 -3.22 16.57
N ARG A 142 4.97 -3.66 16.76
CA ARG A 142 5.54 -3.68 18.10
C ARG A 142 5.69 -2.25 18.66
N ALA A 143 6.21 -1.33 17.85
CA ALA A 143 6.25 0.06 18.25
C ALA A 143 4.87 0.56 18.61
N ILE A 144 3.85 0.22 17.81
CA ILE A 144 2.56 0.86 18.05
C ILE A 144 2.10 0.50 19.49
N GLN A 145 2.32 -0.75 19.90
CA GLN A 145 1.89 -1.22 21.21
C GLN A 145 2.57 -0.50 22.33
N ARG A 146 3.85 -0.14 22.15
CA ARG A 146 4.58 0.54 23.22
C ARG A 146 4.20 2.02 23.28
N LEU A 147 4.00 2.62 22.11
CA LEU A 147 3.85 4.07 22.01
C LEU A 147 2.47 4.43 22.43
N GLN A 148 1.50 3.55 22.11
CA GLN A 148 0.11 3.68 22.58
C GLN A 148 0.01 3.85 24.10
N LYS A 149 0.73 3.02 24.85
CA LYS A 149 0.59 3.06 26.30
C LYS A 149 1.22 4.32 26.87
N ARG A 150 2.22 4.86 26.17
CA ARG A 150 2.84 6.13 26.58
C ARG A 150 1.80 7.24 26.34
N ALA A 151 1.19 7.20 25.17
CA ALA A 151 0.32 8.25 24.73
C ALA A 151 -0.97 8.25 25.56
N LYS A 152 -1.40 7.10 26.00
CA LYS A 152 -2.61 6.96 26.77
C LYS A 152 -2.38 7.71 28.10
N GLY A 153 -1.11 7.93 28.42
CA GLY A 153 -0.71 8.52 29.68
C GLY A 153 -0.37 9.98 29.54
N GLY A 154 -0.59 10.50 28.34
CA GLY A 154 -0.47 11.94 28.10
C GLY A 154 0.83 12.35 27.43
N ASP A 155 1.62 11.36 27.03
CA ASP A 155 2.98 11.62 26.59
C ASP A 155 2.98 12.15 25.13
N LYS A 156 3.29 13.44 24.97
CA LYS A 156 3.10 14.14 23.69
C LYS A 156 4.03 13.70 22.54
N GLU A 157 5.29 13.45 22.83
CA GLU A 157 6.21 12.85 21.86
C GLU A 157 5.67 11.50 21.36
N ALA A 158 5.24 10.66 22.28
CA ALA A 158 4.86 9.32 21.90
C ALA A 158 3.61 9.38 21.01
N LYS A 159 2.83 10.44 21.14
CA LYS A 159 1.61 10.59 20.38
C LYS A 159 1.97 11.02 18.99
N PHE A 160 3.13 11.65 18.88
CA PHE A 160 3.57 12.16 17.62
C PHE A 160 4.20 11.02 16.75
N GLU A 161 5.13 10.24 17.31
CA GLU A 161 5.60 9.01 16.69
C GLU A 161 4.50 8.06 16.29
N LEU A 162 3.59 7.77 17.24
CA LEU A 162 2.51 6.80 17.00
C LEU A 162 1.77 7.16 15.75
N SER A 163 1.53 8.46 15.61
CA SER A 163 0.70 8.95 14.53
C SER A 163 1.46 8.73 13.24
N VAL A 164 2.78 8.55 13.35
CA VAL A 164 3.57 8.32 12.17
C VAL A 164 3.52 6.83 11.84
N MET A 165 3.78 6.01 12.87
CA MET A 165 3.48 4.58 12.83
C MET A 165 2.12 4.29 12.18
N GLU A 166 1.07 4.99 12.61
CA GLU A 166 -0.32 4.76 12.12
C GLU A 166 -0.54 5.15 10.67
N LYS A 167 0.34 6.00 10.14
CA LYS A 167 0.31 6.33 8.72
C LYS A 167 1.05 5.25 7.92
N ILE A 168 2.22 4.81 8.39
CA ILE A 168 2.88 3.73 7.64
C ILE A 168 2.32 2.30 7.86
N LEU A 169 1.58 2.05 8.93
CA LEU A 169 1.12 0.68 9.20
C LEU A 169 0.36 0.06 8.02
N PRO A 170 -0.69 0.72 7.56
CA PRO A 170 -1.50 0.12 6.49
C PRO A 170 -0.73 0.09 5.17
N VAL A 171 0.25 0.95 4.98
CA VAL A 171 1.14 0.78 3.85
C VAL A 171 1.98 -0.51 3.97
N LEU A 172 2.47 -0.82 5.16
CA LEU A 172 3.26 -2.03 5.30
C LEU A 172 2.38 -3.27 5.21
N GLU A 173 1.16 -3.19 5.72
CA GLU A 173 0.22 -4.33 5.59
C GLU A 173 0.03 -4.81 4.17
N ASN A 174 0.29 -3.93 3.20
CA ASN A 174 -0.05 -4.23 1.83
C ASN A 174 1.25 -4.37 1.03
N ALA A 175 2.36 -4.66 1.72
CA ALA A 175 3.64 -4.88 1.07
C ALA A 175 4.23 -3.60 0.46
N GLY A 176 3.79 -2.44 0.94
CA GLY A 176 4.32 -1.19 0.41
C GLY A 176 5.61 -0.75 1.07
N MET A 177 6.33 0.18 0.43
CA MET A 177 7.59 0.72 0.97
C MET A 177 7.41 2.00 1.75
N ILE A 178 8.03 2.11 2.93
CA ILE A 178 7.97 3.33 3.73
C ILE A 178 8.53 4.52 2.95
N ARG A 179 9.58 4.25 2.18
CA ARG A 179 10.15 5.24 1.25
C ARG A 179 9.15 5.82 0.25
N SER A 180 7.99 5.19 0.07
CA SER A 180 7.01 5.71 -0.89
C SER A 180 5.92 6.56 -0.26
N VAL A 181 6.02 6.73 1.05
CA VAL A 181 5.05 7.47 1.80
C VAL A 181 5.57 8.90 1.90
N GLY A 182 4.78 9.87 1.49
CA GLY A 182 5.27 11.24 1.62
C GLY A 182 5.28 11.65 3.07
N LEU A 183 6.35 11.31 3.77
CA LEU A 183 6.50 11.77 5.16
C LEU A 183 7.36 13.00 5.07
N ASP A 184 7.06 13.95 5.95
CA ASP A 184 7.82 15.21 6.05
C ASP A 184 8.99 15.01 7.00
N LYS A 185 9.81 16.06 7.15
CA LYS A 185 11.08 15.96 7.84
C LYS A 185 10.93 15.60 9.33
N GLU A 186 9.88 16.13 9.96
CA GLU A 186 9.59 15.89 11.37
C GLU A 186 9.22 14.40 11.57
N GLU A 187 8.39 13.92 10.66
CA GLU A 187 7.98 12.52 10.54
C GLU A 187 9.13 11.50 10.38
N LEU A 188 9.98 11.70 9.37
CA LEU A 188 11.27 11.00 9.27
C LEU A 188 12.00 11.06 10.56
N GLN A 189 12.17 12.28 11.08
CA GLN A 189 13.05 12.46 12.22
C GLN A 189 12.59 11.54 13.35
N ALA A 190 11.28 11.50 13.57
CA ALA A 190 10.71 10.72 14.67
C ALA A 190 10.84 9.19 14.49
N ILE A 191 10.98 8.72 13.27
CA ILE A 191 11.09 7.28 13.07
C ILE A 191 12.51 6.82 12.68
N LYS A 192 13.47 7.76 12.74
CA LYS A 192 14.86 7.47 12.31
C LYS A 192 15.38 6.27 13.05
N SER A 193 14.99 6.16 14.32
CA SER A 193 15.68 5.26 15.19
C SER A 193 15.28 3.84 14.89
N TYR A 194 14.17 3.67 14.17
CA TYR A 194 13.71 2.31 13.82
C TYR A 194 14.57 1.65 12.72
N ASN A 195 15.33 2.48 12.01
CA ASN A 195 16.22 1.98 10.94
C ASN A 195 15.43 1.05 10.03
N PHE A 196 14.23 1.49 9.67
CA PHE A 196 13.36 0.79 8.73
C PHE A 196 14.10 0.41 7.40
N LEU A 197 13.88 -0.81 6.95
CA LEU A 197 14.53 -1.35 5.76
C LEU A 197 13.90 -0.79 4.49
N THR A 198 12.57 -0.64 4.50
CA THR A 198 11.81 -0.17 3.31
C THR A 198 11.92 1.32 3.07
N LEU A 199 12.46 2.03 4.05
CA LEU A 199 12.88 3.42 3.84
C LEU A 199 14.28 3.57 3.20
N LYS A 200 15.07 2.50 3.16
CA LYS A 200 16.37 2.70 2.53
C LYS A 200 16.21 2.98 1.08
N PRO A 201 16.88 4.03 0.61
CA PRO A 201 16.93 4.34 -0.80
C PRO A 201 17.53 3.18 -1.62
N THR A 202 17.02 3.00 -2.81
CA THR A 202 17.34 1.89 -3.64
C THR A 202 17.53 2.27 -5.09
N MET A 203 18.39 1.51 -5.76
CA MET A 203 18.45 1.64 -7.20
C MET A 203 18.44 0.21 -7.76
N TYR A 204 17.85 0.01 -8.94
CA TYR A 204 17.98 -1.28 -9.64
C TYR A 204 19.24 -1.41 -10.47
N ILE A 205 20.04 -2.44 -10.18
CA ILE A 205 21.16 -2.83 -11.01
C ILE A 205 20.72 -3.91 -12.03
N ALA A 206 20.35 -3.50 -13.24
CA ALA A 206 19.70 -4.46 -14.15
C ALA A 206 20.76 -5.29 -14.86
N ASN A 207 20.93 -6.53 -14.43
CA ASN A 207 21.97 -7.35 -15.03
C ASN A 207 21.50 -8.02 -16.34
N VAL A 208 22.27 -7.79 -17.41
CA VAL A 208 21.95 -8.28 -18.78
C VAL A 208 23.06 -9.13 -19.39
N ASN A 209 22.76 -9.54 -20.63
CA ASN A 209 23.70 -10.31 -21.44
C ASN A 209 24.57 -9.30 -22.13
N GLU A 210 25.71 -9.74 -22.55
CA GLU A 210 26.68 -8.92 -23.25
C GLU A 210 26.03 -8.36 -24.49
N ASP A 211 24.78 -8.73 -24.67
CA ASP A 211 23.96 -8.30 -25.82
C ASP A 211 22.60 -7.83 -25.33
N GLY A 212 22.52 -7.33 -24.09
CA GLY A 212 21.24 -7.09 -23.45
C GLY A 212 20.71 -5.66 -23.50
N PHE A 213 21.56 -4.69 -23.82
CA PHE A 213 21.23 -3.31 -23.53
C PHE A 213 20.07 -2.81 -24.39
N GLU A 214 19.68 -3.62 -25.37
CA GLU A 214 19.17 -3.10 -26.62
C GLU A 214 17.64 -3.07 -26.73
N ASN A 215 17.03 -4.21 -27.05
CA ASN A 215 15.60 -4.25 -27.27
C ASN A 215 14.90 -5.16 -26.29
N ASN A 216 15.18 -4.93 -25.01
CA ASN A 216 15.15 -5.97 -24.01
C ASN A 216 13.91 -5.82 -23.17
N PRO A 217 12.99 -6.77 -23.29
CA PRO A 217 11.63 -6.58 -22.74
C PRO A 217 11.72 -6.57 -21.23
N TYR A 218 12.66 -7.35 -20.69
CA TYR A 218 12.98 -7.35 -19.26
C TYR A 218 13.44 -6.00 -18.71
N LEU A 219 14.54 -5.53 -19.27
CA LEU A 219 15.09 -4.25 -18.92
C LEU A 219 14.03 -3.16 -19.04
N ASP A 220 13.15 -3.24 -20.04
CA ASP A 220 12.10 -2.24 -20.18
C ASP A 220 11.13 -2.34 -19.04
N ARG A 221 10.79 -3.57 -18.67
CA ARG A 221 9.78 -3.70 -17.63
C ARG A 221 10.39 -3.19 -16.32
N VAL A 222 11.66 -3.51 -16.06
CA VAL A 222 12.32 -2.90 -14.90
C VAL A 222 12.34 -1.36 -14.93
N ARG A 223 12.60 -0.77 -16.11
CA ARG A 223 12.55 0.69 -16.25
C ARG A 223 11.13 1.17 -15.93
N GLU A 224 10.15 0.43 -16.45
CA GLU A 224 8.76 0.69 -16.15
C GLU A 224 8.55 0.77 -14.64
N ILE A 225 9.05 -0.24 -13.93
CA ILE A 225 8.80 -0.36 -12.49
C ILE A 225 9.47 0.78 -11.73
N ALA A 226 10.70 1.07 -12.13
CA ALA A 226 11.50 2.15 -11.50
C ALA A 226 10.85 3.52 -11.69
N ALA A 227 10.37 3.78 -12.89
CA ALA A 227 9.76 5.10 -13.18
C ALA A 227 8.72 5.51 -12.15
N LYS A 228 8.01 4.51 -11.61
CA LYS A 228 6.82 4.74 -10.79
C LYS A 228 7.18 5.29 -9.44
N GLU A 229 8.35 4.88 -8.95
CA GLU A 229 8.79 5.20 -7.60
C GLU A 229 10.05 6.05 -7.60
N GLY A 230 10.31 6.73 -8.72
CA GLY A 230 11.47 7.60 -8.86
C GLY A 230 12.85 6.94 -8.89
N ALA A 231 12.92 5.64 -9.18
CA ALA A 231 14.13 4.88 -8.88
C ALA A 231 15.16 4.95 -10.04
N VAL A 232 16.47 4.99 -9.74
CA VAL A 232 17.51 4.82 -10.78
C VAL A 232 17.72 3.36 -11.24
N VAL A 233 17.83 3.16 -12.56
CA VAL A 233 18.18 1.86 -13.08
C VAL A 233 19.49 1.88 -13.83
N VAL A 234 20.41 1.00 -13.48
CA VAL A 234 21.72 0.99 -14.11
C VAL A 234 22.02 -0.37 -14.74
N PRO A 235 21.99 -0.49 -16.07
CA PRO A 235 22.24 -1.78 -16.72
C PRO A 235 23.71 -2.08 -16.64
N VAL A 236 24.08 -3.28 -16.20
CA VAL A 236 25.41 -3.86 -16.42
C VAL A 236 25.23 -5.26 -17.04
N CYS A 237 26.23 -5.73 -17.77
CA CYS A 237 26.37 -7.16 -18.03
C CYS A 237 27.45 -7.69 -17.13
N ALA A 238 27.02 -8.50 -16.15
CA ALA A 238 27.95 -9.00 -15.17
C ALA A 238 28.86 -10.04 -15.81
N ALA A 239 28.35 -10.70 -16.83
CA ALA A 239 29.19 -11.53 -17.68
C ALA A 239 30.26 -10.61 -18.23
N ILE A 240 29.84 -9.72 -19.12
CA ILE A 240 30.83 -8.86 -19.76
C ILE A 240 31.68 -8.16 -18.70
N GLU A 241 31.11 -7.90 -17.53
CA GLU A 241 31.83 -7.10 -16.51
C GLU A 241 32.81 -7.96 -15.77
N SER A 242 32.49 -9.23 -15.54
CA SER A 242 33.39 -10.06 -14.71
C SER A 242 34.67 -10.43 -15.45
N GLU A 243 34.53 -10.59 -16.76
CA GLU A 243 35.67 -10.64 -17.68
C GLU A 243 36.74 -9.56 -17.40
N ILE A 244 36.49 -8.32 -17.80
CA ILE A 244 37.45 -7.23 -17.62
C ILE A 244 38.28 -7.36 -16.35
N ALA A 245 37.81 -8.17 -15.41
CA ALA A 245 38.21 -8.02 -14.01
C ALA A 245 39.38 -8.93 -13.61
N GLU A 246 39.55 -10.02 -14.35
CA GLU A 246 40.65 -10.95 -14.12
C GLU A 246 41.68 -10.83 -15.25
N LEU A 247 41.80 -9.63 -15.81
CA LEU A 247 42.94 -9.26 -16.65
C LEU A 247 43.92 -8.37 -15.87
N ASP A 248 45.08 -8.10 -16.48
CA ASP A 248 46.11 -7.33 -15.78
C ASP A 248 45.78 -5.86 -15.63
N ASP A 249 46.57 -5.21 -14.82
CA ASP A 249 46.35 -3.82 -14.52
C ASP A 249 45.83 -3.10 -15.71
N GLU A 250 46.64 -3.31 -16.71
CA GLU A 250 46.52 -2.67 -17.96
C GLU A 250 46.39 -3.59 -19.17
N GLU A 251 46.59 -4.89 -18.96
CA GLU A 251 46.46 -5.84 -20.06
C GLU A 251 45.00 -6.05 -20.44
N LYS A 252 44.28 -4.95 -20.62
CA LYS A 252 42.82 -4.97 -20.72
C LYS A 252 42.29 -3.90 -21.67
N VAL A 253 43.07 -2.84 -21.85
CA VAL A 253 42.68 -1.70 -22.67
C VAL A 253 42.03 -2.13 -23.98
N GLU A 254 42.69 -3.01 -24.72
CA GLU A 254 42.21 -3.41 -26.05
C GLU A 254 40.87 -4.14 -25.98
N PHE A 255 40.58 -4.70 -24.82
CA PHE A 255 39.29 -5.34 -24.57
C PHE A 255 38.14 -4.34 -24.68
N LEU A 256 38.39 -3.10 -24.28
CA LEU A 256 37.31 -2.13 -24.09
C LEU A 256 36.68 -1.70 -25.41
N GLN A 257 37.35 -0.79 -26.10
CA GLN A 257 36.88 -0.20 -27.36
C GLN A 257 35.81 -1.00 -28.10
N ASP A 258 35.89 -2.32 -28.02
CA ASP A 258 35.18 -3.23 -28.91
C ASP A 258 33.70 -2.89 -29.05
N LEU A 259 33.20 -2.03 -28.16
CA LEU A 259 31.90 -1.37 -28.34
C LEU A 259 31.87 0.05 -27.76
N GLY A 260 30.67 0.56 -27.50
CA GLY A 260 30.46 1.93 -27.08
C GLY A 260 30.52 2.19 -25.58
N ILE A 261 30.69 1.13 -24.80
CA ILE A 261 31.24 1.24 -23.44
C ILE A 261 32.68 1.77 -23.49
N GLU A 262 32.88 3.03 -23.11
CA GLU A 262 34.24 3.59 -23.09
C GLU A 262 34.99 3.24 -21.81
N GLU A 263 34.25 2.87 -20.78
CA GLU A 263 34.86 2.29 -19.58
C GLU A 263 34.06 1.09 -19.08
N PRO A 264 34.70 0.31 -18.22
CA PRO A 264 33.98 -0.67 -17.39
C PRO A 264 32.59 -0.11 -17.04
N GLY A 265 31.53 -0.72 -17.56
CA GLY A 265 30.17 -0.48 -17.08
C GLY A 265 29.95 -0.66 -15.56
N LEU A 266 31.00 -1.04 -14.85
CA LEU A 266 30.98 -1.22 -13.41
C LEU A 266 31.14 0.14 -12.74
N ASN A 267 31.91 0.99 -13.40
CA ASN A 267 32.23 2.32 -12.92
C ASN A 267 30.94 3.09 -12.78
N ARG A 268 30.00 2.76 -13.65
CA ARG A 268 28.65 3.33 -13.64
C ARG A 268 27.80 2.92 -12.41
N VAL A 269 28.12 1.78 -11.84
CA VAL A 269 27.32 1.23 -10.79
C VAL A 269 27.92 1.83 -9.55
N ILE A 270 29.24 1.88 -9.49
CA ILE A 270 29.92 2.57 -8.41
C ILE A 270 29.43 4.01 -8.29
N ARG A 271 29.38 4.75 -9.39
CA ARG A 271 28.94 6.15 -9.34
C ARG A 271 27.44 6.26 -9.08
N ALA A 272 26.67 5.30 -9.57
CA ALA A 272 25.24 5.37 -9.34
C ALA A 272 24.90 5.12 -7.87
N GLY A 273 25.70 4.32 -7.20
CA GLY A 273 25.51 4.06 -5.78
C GLY A 273 26.05 5.13 -4.84
N TYR A 274 27.04 5.85 -5.32
CA TYR A 274 27.58 7.00 -4.62
C TYR A 274 26.49 8.07 -4.60
N ALA A 275 25.90 8.36 -5.77
CA ALA A 275 24.71 9.18 -5.84
C ALA A 275 23.58 8.68 -4.94
N LEU A 276 23.32 7.37 -4.94
CA LEU A 276 22.14 6.88 -4.25
C LEU A 276 22.27 7.21 -2.77
N LEU A 277 23.48 7.15 -2.25
CA LEU A 277 23.70 7.52 -0.86
C LEU A 277 23.75 8.99 -0.67
N ASN A 278 23.43 9.74 -1.74
CA ASN A 278 23.42 11.19 -1.68
C ASN A 278 24.76 11.88 -1.50
N LEU A 279 25.80 11.28 -2.05
CA LEU A 279 27.11 11.84 -1.95
C LEU A 279 27.47 12.64 -3.19
N GLN A 280 28.32 13.65 -2.99
CA GLN A 280 28.89 14.50 -4.06
C GLN A 280 30.36 14.60 -3.78
N THR A 281 31.13 14.97 -4.80
CA THR A 281 32.59 15.16 -4.70
C THR A 281 32.91 16.63 -4.89
N TYR A 282 33.82 17.16 -4.06
CA TYR A 282 34.48 18.39 -4.42
C TYR A 282 35.96 18.07 -4.40
N PHE A 283 36.78 18.98 -4.91
CA PHE A 283 38.16 18.69 -5.23
C PHE A 283 38.98 19.74 -4.61
N THR A 284 40.21 19.40 -4.17
CA THR A 284 41.29 20.33 -3.94
C THR A 284 42.42 19.97 -4.96
N ALA A 285 43.23 20.93 -5.35
CA ALA A 285 44.13 20.74 -6.45
C ALA A 285 45.31 21.65 -6.19
N GLY A 286 46.52 21.08 -6.19
CA GLY A 286 47.74 21.87 -6.10
C GLY A 286 48.92 21.04 -6.60
N VAL A 287 50.12 21.63 -6.60
CA VAL A 287 51.28 20.90 -7.17
C VAL A 287 51.58 19.57 -6.45
N LYS A 288 51.18 19.47 -5.20
CA LYS A 288 51.42 18.25 -4.43
C LYS A 288 50.34 17.19 -4.67
N GLU A 289 49.11 17.63 -4.87
CA GLU A 289 48.05 16.67 -5.02
C GLU A 289 46.76 17.16 -5.62
N VAL A 290 46.05 16.22 -6.21
CA VAL A 290 44.67 16.40 -6.59
C VAL A 290 43.88 15.36 -5.86
N ARG A 291 42.88 15.83 -5.10
CA ARG A 291 42.11 15.01 -4.21
C ARG A 291 40.63 15.25 -4.36
N ALA A 292 39.90 14.15 -4.42
CA ALA A 292 38.46 14.13 -4.35
C ALA A 292 38.02 13.97 -2.92
N TRP A 293 37.06 14.79 -2.54
CA TRP A 293 36.57 14.88 -1.18
C TRP A 293 35.04 14.67 -1.20
N THR A 294 34.54 13.83 -0.30
CA THR A 294 33.10 13.43 -0.28
C THR A 294 32.35 14.24 0.76
N VAL A 295 31.24 14.89 0.36
CA VAL A 295 30.24 15.45 1.32
C VAL A 295 28.88 15.12 0.82
N SER A 296 27.89 15.26 1.69
CA SER A 296 26.51 14.99 1.26
C SER A 296 26.11 16.10 0.31
N VAL A 297 25.22 15.80 -0.61
CA VAL A 297 24.58 16.83 -1.41
C VAL A 297 23.91 17.90 -0.53
N GLY A 298 24.17 19.18 -0.85
CA GLY A 298 23.62 20.28 -0.08
C GLY A 298 24.43 20.78 1.11
N ALA A 299 25.61 20.21 1.34
CA ALA A 299 26.49 20.76 2.37
C ALA A 299 26.92 22.18 2.01
N THR A 300 26.93 23.05 3.01
CA THR A 300 27.59 24.33 2.91
C THR A 300 29.14 24.16 2.99
N ALA A 301 29.86 25.21 2.61
CA ALA A 301 31.33 25.18 2.54
C ALA A 301 31.99 24.83 3.84
N PRO A 302 31.50 25.40 4.93
CA PRO A 302 31.96 25.07 6.28
C PRO A 302 31.73 23.61 6.62
N LYS A 303 30.63 23.00 6.18
CA LYS A 303 30.44 21.58 6.45
C LYS A 303 31.44 20.87 5.58
N ALA A 304 31.48 21.27 4.31
CA ALA A 304 32.44 20.66 3.38
C ALA A 304 33.81 20.77 3.98
N ALA A 305 34.11 21.90 4.60
CA ALA A 305 35.53 22.14 4.93
C ALA A 305 35.94 21.31 6.14
N ALA A 306 34.95 21.07 7.00
CA ALA A 306 35.19 20.43 8.28
C ALA A 306 35.60 18.96 8.01
N VAL A 307 35.25 18.45 6.85
CA VAL A 307 35.77 17.17 6.38
C VAL A 307 37.31 17.09 6.30
N ILE A 308 37.94 18.23 6.01
CA ILE A 308 39.40 18.31 5.96
C ILE A 308 40.03 18.54 7.37
N HIS A 309 39.49 19.48 8.13
CA HIS A 309 39.90 19.71 9.50
C HIS A 309 38.73 20.11 10.39
N THR A 310 38.69 19.62 11.63
CA THR A 310 37.54 19.88 12.52
C THR A 310 37.41 21.31 13.05
N ASP A 311 38.49 22.09 13.03
CA ASP A 311 38.36 23.48 13.48
C ASP A 311 37.73 24.37 12.41
N PHE A 312 37.48 23.85 11.21
CA PHE A 312 36.80 24.69 10.20
C PHE A 312 35.37 25.00 10.57
N GLU A 313 34.74 24.13 11.35
CA GLU A 313 33.37 24.37 11.86
C GLU A 313 33.21 25.78 12.41
N LYS A 314 34.01 26.09 13.42
CA LYS A 314 34.11 27.47 13.97
C LYS A 314 35.12 28.41 13.31
N GLY A 315 36.23 27.87 12.80
CA GLY A 315 37.32 28.70 12.28
C GLY A 315 37.18 29.22 10.86
N PHE A 316 36.18 28.73 10.14
CA PHE A 316 36.04 29.06 8.73
C PHE A 316 35.92 30.53 8.56
N ILE A 317 36.57 31.05 7.51
CA ILE A 317 36.44 32.40 7.07
C ILE A 317 35.85 32.47 5.65
N ARG A 318 36.43 31.76 4.70
CA ARG A 318 35.90 31.82 3.37
C ARG A 318 36.27 30.54 2.66
N ALA A 319 35.56 30.29 1.57
CA ALA A 319 35.98 29.29 0.60
C ALA A 319 36.37 29.99 -0.69
N GLU A 320 37.55 29.67 -1.23
CA GLU A 320 37.92 30.11 -2.59
C GLU A 320 37.55 28.97 -3.54
N VAL A 321 36.66 29.29 -4.46
CA VAL A 321 35.94 28.33 -5.21
C VAL A 321 36.04 28.63 -6.69
N ILE A 322 36.30 27.57 -7.49
CA ILE A 322 36.20 27.66 -8.92
C ILE A 322 35.27 26.56 -9.41
N ALA A 323 34.28 26.87 -10.25
CA ALA A 323 33.43 25.82 -10.83
C ALA A 323 34.25 24.85 -11.68
N TYR A 324 33.90 23.58 -11.58
CA TYR A 324 34.68 22.57 -12.22
C TYR A 324 34.93 23.01 -13.67
N GLU A 325 33.86 23.47 -14.30
CA GLU A 325 33.92 23.80 -15.74
C GLU A 325 34.86 24.95 -16.05
N ASP A 326 35.03 25.87 -15.10
CA ASP A 326 36.02 26.93 -15.27
C ASP A 326 37.47 26.46 -15.05
N PHE A 327 37.65 25.51 -14.12
CA PHE A 327 39.02 25.15 -13.71
C PHE A 327 39.64 24.51 -14.97
N ILE A 328 38.82 23.74 -15.67
CA ILE A 328 39.21 23.02 -16.86
C ILE A 328 39.49 24.05 -17.97
N GLN A 329 38.51 24.88 -18.25
CA GLN A 329 38.59 25.83 -19.35
C GLN A 329 39.83 26.74 -19.22
N PHE A 330 40.00 27.33 -18.05
CA PHE A 330 41.06 28.31 -17.90
C PHE A 330 42.36 27.75 -17.39
N ASN A 331 42.45 26.42 -17.41
CA ASN A 331 43.73 25.74 -17.15
C ASN A 331 44.35 25.99 -15.80
N GLY A 332 43.54 25.92 -14.75
CA GLY A 332 44.08 25.94 -13.40
C GLY A 332 43.68 27.18 -12.65
N GLU A 333 44.26 27.37 -11.48
CA GLU A 333 43.82 28.43 -10.59
C GLU A 333 44.21 29.86 -11.02
N ASN A 334 45.33 30.04 -11.73
CA ASN A 334 45.75 31.37 -12.17
C ASN A 334 45.07 31.80 -13.45
N GLY A 335 44.83 30.83 -14.33
CA GLY A 335 43.86 31.00 -15.39
C GLY A 335 42.52 31.59 -14.95
N ALA A 336 41.92 30.96 -13.94
CA ALA A 336 40.52 31.20 -13.64
C ALA A 336 40.42 32.56 -12.97
N LYS A 337 41.36 32.79 -12.07
CA LYS A 337 41.56 34.04 -11.42
C LYS A 337 41.64 35.15 -12.47
N GLU A 338 42.58 34.99 -13.41
CA GLU A 338 42.71 35.87 -14.57
C GLU A 338 41.37 36.17 -15.23
N ALA A 339 40.58 35.11 -15.46
CA ALA A 339 39.30 35.22 -16.15
C ALA A 339 38.24 35.59 -15.13
N GLY A 340 38.68 35.83 -13.90
CA GLY A 340 37.73 36.21 -12.85
C GLY A 340 36.72 35.17 -12.38
N LYS A 341 37.03 33.87 -12.50
CA LYS A 341 36.07 32.82 -12.11
C LYS A 341 36.41 32.20 -10.75
N TRP A 342 37.10 32.99 -9.93
CA TRP A 342 37.62 32.61 -8.66
C TRP A 342 37.04 33.42 -7.51
N ARG A 343 36.05 32.82 -6.83
CA ARG A 343 35.03 33.52 -6.02
C ARG A 343 35.43 33.40 -4.59
N LEU A 344 35.17 34.43 -3.80
CA LEU A 344 35.17 34.21 -2.35
C LEU A 344 33.71 33.89 -2.03
N GLU A 345 33.50 32.84 -1.26
CA GLU A 345 32.17 32.34 -0.94
C GLU A 345 32.17 32.18 0.55
N GLY A 346 30.97 32.22 1.14
CA GLY A 346 30.88 32.32 2.59
C GLY A 346 30.10 31.18 3.24
N LYS A 347 29.63 31.44 4.45
CA LYS A 347 29.21 30.43 5.40
C LYS A 347 28.01 29.66 4.88
N ASP A 348 27.24 30.26 3.97
CA ASP A 348 25.99 29.69 3.46
C ASP A 348 26.10 29.27 2.01
N TYR A 349 27.31 29.29 1.47
CA TYR A 349 27.48 28.86 0.07
C TYR A 349 27.23 27.36 0.05
N ILE A 350 26.44 26.91 -0.91
CA ILE A 350 26.13 25.48 -1.08
C ILE A 350 27.10 24.91 -2.11
N VAL A 351 27.95 24.03 -1.60
CA VAL A 351 28.90 23.33 -2.42
C VAL A 351 28.26 22.64 -3.66
N GLN A 352 28.86 22.87 -4.81
CA GLN A 352 28.38 22.29 -6.04
C GLN A 352 29.34 21.22 -6.46
N ASP A 353 28.75 20.12 -6.95
CA ASP A 353 29.40 18.98 -7.54
C ASP A 353 30.63 19.30 -8.38
N GLY A 354 31.78 18.88 -7.90
CA GLY A 354 33.02 19.14 -8.58
C GLY A 354 33.60 20.51 -8.42
N ASP A 355 33.05 21.36 -7.54
CA ASP A 355 33.80 22.60 -7.22
C ASP A 355 35.23 22.28 -6.85
N VAL A 356 36.17 23.11 -7.32
CA VAL A 356 37.58 23.11 -6.89
C VAL A 356 37.85 24.13 -5.74
N MET A 357 37.98 23.63 -4.53
CA MET A 357 37.91 24.56 -3.40
C MET A 357 39.24 24.67 -2.62
N HIS A 358 39.47 25.84 -2.07
CA HIS A 358 40.53 26.06 -1.08
C HIS A 358 39.88 26.84 0.08
N PHE A 359 40.03 26.36 1.31
CA PHE A 359 39.37 26.97 2.45
C PHE A 359 40.36 27.82 3.29
N ARG A 360 39.91 28.98 3.75
CA ARG A 360 40.79 29.84 4.61
C ARG A 360 40.33 29.89 6.05
N PHE A 361 41.27 29.72 6.97
CA PHE A 361 41.06 30.19 8.34
C PHE A 361 41.99 31.36 8.75
N ASN A 362 42.58 32.02 7.77
CA ASN A 362 43.41 33.22 8.04
C ASN A 362 43.48 34.21 6.89
N VAL A 363 43.34 35.47 7.25
CA VAL A 363 43.04 36.54 6.29
C VAL A 363 42.50 35.98 4.98
N MET B 1 -34.14 5.36 -1.51
CA MET B 1 -35.27 4.60 -0.88
C MET B 1 -35.02 3.09 -0.92
N GLY B 2 -33.82 2.71 -1.35
CA GLY B 2 -33.37 1.33 -1.30
C GLY B 2 -31.86 1.19 -1.35
N PHE B 3 -31.28 0.55 -0.33
CA PHE B 3 -29.88 0.15 -0.40
C PHE B 3 -29.71 -1.12 -1.20
N LYS B 4 -28.58 -1.24 -1.90
CA LYS B 4 -28.33 -2.34 -2.85
C LYS B 4 -26.98 -2.94 -2.55
N CYS B 5 -26.89 -4.27 -2.57
CA CYS B 5 -25.62 -4.95 -2.56
C CYS B 5 -25.20 -5.40 -3.96
N GLY B 6 -24.04 -4.93 -4.41
CA GLY B 6 -23.53 -5.27 -5.73
C GLY B 6 -22.74 -6.59 -5.81
N ILE B 7 -23.04 -7.41 -6.81
CA ILE B 7 -22.44 -8.73 -6.87
C ILE B 7 -21.33 -8.71 -7.92
N VAL B 8 -20.14 -9.13 -7.49
CA VAL B 8 -18.93 -8.81 -8.21
C VAL B 8 -18.11 -10.10 -8.29
N GLY B 9 -17.26 -10.20 -9.30
CA GLY B 9 -16.60 -11.45 -9.62
C GLY B 9 -16.12 -11.59 -11.06
N LEU B 10 -14.98 -12.24 -11.22
CA LEU B 10 -14.32 -12.48 -12.50
C LEU B 10 -15.14 -13.23 -13.57
N PRO B 11 -14.61 -13.26 -14.81
CA PRO B 11 -15.18 -14.02 -15.93
C PRO B 11 -16.09 -15.18 -15.57
N ASN B 12 -15.55 -16.37 -15.30
CA ASN B 12 -16.38 -17.59 -15.35
C ASN B 12 -16.53 -18.31 -14.02
N VAL B 13 -16.94 -17.55 -13.00
CA VAL B 13 -16.46 -17.73 -11.64
C VAL B 13 -17.55 -18.25 -10.74
N GLY B 14 -18.79 -18.04 -11.19
CA GLY B 14 -19.95 -18.33 -10.39
C GLY B 14 -20.97 -17.19 -10.43
N LYS B 15 -20.52 -16.00 -10.85
CA LYS B 15 -21.30 -14.77 -10.68
C LYS B 15 -22.65 -14.88 -11.34
N SER B 16 -22.63 -15.27 -12.61
CA SER B 16 -23.84 -15.34 -13.41
C SER B 16 -24.90 -16.21 -12.74
N THR B 17 -24.48 -17.36 -12.27
CA THR B 17 -25.42 -18.43 -11.95
C THR B 17 -25.90 -18.27 -10.51
N LEU B 18 -25.05 -17.70 -9.65
CA LEU B 18 -25.51 -17.16 -8.37
C LEU B 18 -26.53 -16.05 -8.57
N PHE B 19 -26.21 -15.04 -9.38
CA PHE B 19 -27.13 -13.91 -9.54
C PHE B 19 -28.46 -14.28 -10.22
N ASN B 20 -28.44 -15.21 -11.16
CA ASN B 20 -29.69 -15.61 -11.77
C ASN B 20 -30.60 -16.34 -10.77
N ALA B 21 -29.99 -17.16 -9.93
CA ALA B 21 -30.75 -17.96 -9.00
C ALA B 21 -31.28 -17.07 -7.89
N LEU B 22 -30.55 -16.01 -7.59
CA LEU B 22 -31.04 -14.99 -6.66
C LEU B 22 -32.33 -14.35 -7.17
N THR B 23 -32.48 -14.34 -8.49
CA THR B 23 -33.38 -13.45 -9.16
C THR B 23 -34.63 -14.19 -9.63
N LYS B 24 -34.54 -15.50 -9.80
CA LYS B 24 -35.75 -16.29 -9.94
C LYS B 24 -36.40 -16.49 -8.59
N ALA B 25 -35.64 -16.22 -7.53
CA ALA B 25 -35.97 -16.70 -6.19
C ALA B 25 -34.90 -16.28 -5.18
N THR B 41 -35.95 -6.62 -10.92
CA THR B 41 -35.38 -7.98 -10.99
C THR B 41 -34.58 -8.38 -9.74
N GLY B 42 -33.56 -7.59 -9.39
CA GLY B 42 -32.65 -7.94 -8.30
C GLY B 42 -33.25 -7.88 -6.90
N VAL B 43 -34.51 -7.44 -6.80
CA VAL B 43 -35.20 -7.47 -5.52
C VAL B 43 -35.61 -8.89 -5.14
N VAL B 44 -35.31 -9.32 -3.92
CA VAL B 44 -35.81 -10.61 -3.42
C VAL B 44 -36.35 -10.52 -2.00
N PRO B 45 -37.14 -11.52 -1.60
CA PRO B 45 -37.69 -11.60 -0.25
C PRO B 45 -36.59 -11.80 0.78
N MET B 46 -36.82 -11.37 2.03
CA MET B 46 -35.85 -11.56 3.12
C MET B 46 -36.26 -12.81 3.85
N PRO B 47 -35.58 -13.92 3.61
CA PRO B 47 -35.81 -15.17 4.38
C PRO B 47 -35.62 -14.96 5.88
N ASP B 48 -36.66 -15.15 6.67
CA ASP B 48 -36.51 -14.81 8.08
C ASP B 48 -37.45 -15.54 9.00
N PRO B 49 -36.89 -16.52 9.71
CA PRO B 49 -37.67 -17.46 10.52
C PRO B 49 -38.46 -16.80 11.65
N ARG B 50 -38.15 -15.56 12.01
CA ARG B 50 -38.95 -14.89 13.04
C ARG B 50 -40.39 -14.50 12.58
N LEU B 51 -40.62 -14.49 11.26
CA LEU B 51 -41.95 -14.32 10.70
C LEU B 51 -42.82 -15.46 11.20
N ASP B 52 -42.38 -16.68 10.90
CA ASP B 52 -43.08 -17.87 11.34
C ASP B 52 -43.27 -17.94 12.85
N ALA B 53 -42.19 -17.74 13.62
CA ALA B 53 -42.29 -17.81 15.06
C ALA B 53 -43.35 -16.83 15.50
N LEU B 54 -43.25 -15.59 15.01
CA LEU B 54 -44.26 -14.59 15.30
C LEU B 54 -45.65 -15.01 14.84
N ALA B 55 -45.72 -15.82 13.78
CA ALA B 55 -47.00 -16.12 13.15
C ALA B 55 -47.84 -17.07 14.00
N GLU B 56 -47.21 -18.07 14.57
CA GLU B 56 -48.00 -19.05 15.32
C GLU B 56 -48.45 -18.43 16.61
N ILE B 57 -47.66 -17.51 17.15
CA ILE B 57 -48.03 -16.79 18.36
C ILE B 57 -49.23 -15.90 18.12
N VAL B 58 -49.50 -15.59 16.85
CA VAL B 58 -50.32 -14.44 16.51
C VAL B 58 -51.56 -14.81 15.72
N LYS B 59 -51.40 -15.80 14.83
CA LYS B 59 -52.47 -16.25 13.95
C LYS B 59 -52.99 -15.07 13.14
N PRO B 60 -52.25 -14.72 12.08
CA PRO B 60 -52.56 -13.57 11.23
C PRO B 60 -53.18 -14.08 9.95
N GLU B 61 -54.05 -13.31 9.31
CA GLU B 61 -54.54 -13.70 7.99
C GLU B 61 -53.39 -13.90 7.02
N ARG B 62 -52.36 -13.07 7.10
CA ARG B 62 -51.15 -13.33 6.29
C ARG B 62 -49.84 -12.70 6.74
N ILE B 63 -48.76 -13.04 6.05
CA ILE B 63 -47.45 -12.58 6.53
C ILE B 63 -46.60 -12.14 5.36
N LEU B 64 -46.00 -10.97 5.49
CA LEU B 64 -45.21 -10.37 4.41
C LEU B 64 -43.75 -10.16 4.83
N PRO B 65 -42.83 -10.76 4.08
CA PRO B 65 -41.40 -10.57 4.36
C PRO B 65 -41.02 -9.18 3.87
N THR B 66 -39.89 -8.68 4.33
CA THR B 66 -39.37 -7.49 3.70
C THR B 66 -38.42 -7.99 2.58
N THR B 67 -37.63 -7.10 2.03
CA THR B 67 -36.91 -7.50 0.84
C THR B 67 -35.49 -6.97 0.85
N MET B 68 -34.76 -7.32 -0.19
CA MET B 68 -33.46 -6.75 -0.34
C MET B 68 -33.07 -6.77 -1.78
N GLU B 69 -32.10 -5.93 -2.14
CA GLU B 69 -31.79 -5.67 -3.54
C GLU B 69 -30.35 -6.01 -3.86
N PHE B 70 -30.16 -6.87 -4.85
CA PHE B 70 -28.84 -7.16 -5.36
C PHE B 70 -28.76 -6.60 -6.76
N VAL B 71 -27.54 -6.28 -7.18
CA VAL B 71 -27.27 -5.75 -8.52
C VAL B 71 -26.14 -6.51 -9.12
N ASP B 72 -26.36 -7.05 -10.31
CA ASP B 72 -25.31 -7.76 -11.02
C ASP B 72 -24.32 -6.76 -11.60
N ILE B 73 -23.05 -6.86 -11.23
CA ILE B 73 -22.05 -5.91 -11.73
C ILE B 73 -21.10 -6.52 -12.75
N ALA B 74 -21.61 -6.72 -13.97
CA ALA B 74 -20.77 -7.04 -15.12
C ALA B 74 -20.44 -5.78 -15.91
N GLY B 75 -19.49 -5.91 -16.81
CA GLY B 75 -18.68 -4.78 -17.23
C GLY B 75 -17.22 -5.03 -16.93
N LEU B 76 -16.40 -4.05 -17.27
CA LEU B 76 -14.95 -4.25 -17.39
C LEU B 76 -14.28 -4.71 -16.10
N VAL B 77 -14.52 -5.98 -15.75
CA VAL B 77 -13.77 -6.65 -14.69
C VAL B 77 -12.34 -6.98 -15.19
N ALA B 78 -12.21 -7.07 -16.51
CA ALA B 78 -10.91 -7.02 -17.17
C ALA B 78 -10.71 -5.68 -17.91
N GLY B 79 -9.92 -4.78 -17.31
CA GLY B 79 -9.73 -3.45 -17.83
C GLY B 79 -8.72 -2.62 -17.06
N ALA B 80 -7.46 -3.06 -17.07
CA ALA B 80 -6.34 -2.28 -16.55
C ALA B 80 -6.14 -1.00 -17.37
N SER B 81 -6.10 0.15 -16.70
CA SER B 81 -6.54 1.40 -17.33
C SER B 81 -6.02 2.67 -16.65
N LYS B 82 -5.82 3.71 -17.45
CA LYS B 82 -6.05 5.08 -16.98
C LYS B 82 -7.21 5.68 -17.78
N GLY B 83 -8.20 6.24 -17.08
CA GLY B 83 -9.43 6.67 -17.71
C GLY B 83 -10.50 7.13 -16.74
N GLU B 84 -11.70 7.43 -17.27
CA GLU B 84 -12.81 7.93 -16.45
C GLU B 84 -14.01 6.98 -16.50
N GLY B 85 -13.81 5.83 -17.10
CA GLY B 85 -14.48 4.62 -16.66
C GLY B 85 -13.61 3.40 -16.87
N LEU B 86 -12.69 3.14 -15.94
CA LEU B 86 -11.88 1.93 -15.99
C LEU B 86 -12.64 0.81 -16.74
N GLY B 87 -13.79 0.40 -16.21
CA GLY B 87 -14.93 0.07 -17.03
C GLY B 87 -16.03 1.06 -16.69
N ASN B 88 -16.00 2.24 -17.32
CA ASN B 88 -16.95 3.32 -17.06
C ASN B 88 -18.39 2.91 -16.70
N LYS B 89 -18.79 1.70 -17.09
CA LYS B 89 -20.16 1.24 -16.94
C LYS B 89 -20.10 0.19 -15.83
N PHE B 90 -18.92 -0.39 -15.67
CA PHE B 90 -18.60 -1.16 -14.46
C PHE B 90 -18.62 -0.30 -13.21
N LEU B 91 -18.05 0.90 -13.30
CA LEU B 91 -17.81 1.75 -12.17
C LEU B 91 -18.96 2.70 -11.93
N ALA B 92 -19.88 2.77 -12.88
CA ALA B 92 -21.09 3.55 -12.65
C ALA B 92 -22.10 2.69 -11.91
N ASN B 93 -22.07 1.40 -12.27
CA ASN B 93 -22.89 0.36 -11.72
C ASN B 93 -22.53 0.04 -10.27
N ILE B 94 -21.28 -0.32 -10.00
CA ILE B 94 -20.86 -0.51 -8.59
C ILE B 94 -21.02 0.78 -7.83
N ARG B 95 -20.77 1.89 -8.49
CA ARG B 95 -20.92 3.18 -7.85
C ARG B 95 -22.37 3.43 -7.48
N GLU B 96 -23.27 2.59 -7.95
CA GLU B 96 -24.68 2.78 -7.57
C GLU B 96 -25.04 1.97 -6.32
N THR B 97 -24.21 0.96 -6.00
CA THR B 97 -24.49 0.11 -4.84
C THR B 97 -23.80 0.59 -3.59
N ASP B 98 -24.25 0.11 -2.44
CA ASP B 98 -23.62 0.47 -1.19
C ASP B 98 -22.92 -0.68 -0.45
N ALA B 99 -22.86 -1.86 -1.06
CA ALA B 99 -22.08 -2.97 -0.50
C ALA B 99 -21.65 -3.97 -1.58
N ILE B 100 -20.56 -4.69 -1.34
CA ILE B 100 -20.06 -5.64 -2.35
C ILE B 100 -19.99 -7.10 -1.88
N GLY B 101 -20.57 -7.98 -2.70
CA GLY B 101 -20.45 -9.41 -2.54
C GLY B 101 -19.48 -9.91 -3.58
N HIS B 102 -18.35 -10.42 -3.08
CA HIS B 102 -17.24 -10.80 -3.93
C HIS B 102 -17.28 -12.31 -4.20
N VAL B 103 -17.79 -12.68 -5.37
CA VAL B 103 -17.76 -14.09 -5.75
C VAL B 103 -16.31 -14.46 -6.07
N VAL B 104 -15.75 -15.34 -5.26
CA VAL B 104 -14.47 -15.98 -5.56
C VAL B 104 -14.67 -17.48 -5.78
N ARG B 105 -14.15 -18.02 -6.89
CA ARG B 105 -14.09 -19.47 -7.06
C ARG B 105 -13.27 -20.17 -5.99
N CYS B 106 -13.84 -21.23 -5.45
CA CYS B 106 -13.15 -22.07 -4.51
C CYS B 106 -13.12 -23.55 -4.95
N PHE B 107 -12.87 -23.78 -6.25
CA PHE B 107 -12.65 -25.13 -6.76
C PHE B 107 -11.60 -25.18 -7.90
N GLU B 108 -11.56 -26.30 -8.62
CA GLU B 108 -10.48 -26.57 -9.56
C GLU B 108 -10.87 -26.25 -11.00
N LEU B 122 -7.52 -15.89 -4.46
CA LEU B 122 -6.80 -14.86 -3.69
C LEU B 122 -5.78 -14.13 -4.57
N ASP B 123 -5.61 -14.61 -5.79
CA ASP B 123 -4.92 -13.87 -6.79
C ASP B 123 -6.00 -13.15 -7.54
N ASP B 124 -7.17 -13.81 -7.60
CA ASP B 124 -8.39 -13.28 -8.24
C ASP B 124 -8.94 -12.06 -7.49
N ILE B 125 -9.25 -12.28 -6.21
CA ILE B 125 -9.53 -11.21 -5.25
C ILE B 125 -8.66 -9.98 -5.54
N ASP B 126 -7.34 -10.18 -5.46
CA ASP B 126 -6.37 -9.12 -5.69
C ASP B 126 -6.58 -8.48 -7.09
N THR B 127 -7.08 -9.25 -8.05
CA THR B 127 -7.27 -8.73 -9.40
C THR B 127 -8.41 -7.69 -9.47
N ILE B 128 -9.49 -7.97 -8.74
CA ILE B 128 -10.64 -7.08 -8.59
C ILE B 128 -10.23 -5.90 -7.71
N ASN B 129 -9.81 -6.21 -6.48
CA ASN B 129 -9.33 -5.19 -5.52
C ASN B 129 -8.44 -4.12 -6.13
N THR B 130 -7.44 -4.50 -6.91
CA THR B 130 -6.52 -3.44 -7.35
C THR B 130 -7.19 -2.55 -8.39
N GLU B 131 -8.11 -3.11 -9.14
CA GLU B 131 -8.91 -2.31 -10.08
C GLU B 131 -9.73 -1.22 -9.34
N LEU B 132 -10.39 -1.61 -8.25
CA LEU B 132 -11.07 -0.66 -7.35
C LEU B 132 -10.12 0.36 -6.72
N ALA B 133 -8.95 -0.08 -6.26
CA ALA B 133 -8.09 0.89 -5.62
C ALA B 133 -7.63 1.90 -6.66
N LEU B 134 -7.53 1.48 -7.92
CA LEU B 134 -7.00 2.40 -8.94
C LEU B 134 -7.97 3.53 -9.26
N ALA B 135 -9.27 3.20 -9.34
CA ALA B 135 -10.27 4.24 -9.47
C ALA B 135 -10.30 5.13 -8.23
N ASP B 136 -10.24 4.52 -7.04
CA ASP B 136 -10.15 5.31 -5.78
C ASP B 136 -8.93 6.21 -5.74
N LEU B 137 -7.78 5.69 -6.16
CA LEU B 137 -6.58 6.50 -6.31
C LEU B 137 -6.85 7.76 -7.14
N ASP B 138 -7.61 7.58 -8.25
CA ASP B 138 -7.96 8.68 -9.17
C ASP B 138 -8.80 9.75 -8.47
N SER B 139 -9.89 9.34 -7.79
CA SER B 139 -10.71 10.30 -7.05
C SER B 139 -9.88 10.98 -6.00
N CYS B 140 -8.98 10.22 -5.40
CA CYS B 140 -8.21 10.74 -4.29
C CYS B 140 -7.21 11.80 -4.74
N GLU B 141 -6.42 11.52 -5.77
CA GLU B 141 -5.43 12.52 -6.25
C GLU B 141 -6.17 13.78 -6.66
N ARG B 142 -7.22 13.60 -7.46
CA ARG B 142 -8.02 14.73 -7.94
C ARG B 142 -8.54 15.58 -6.77
N ALA B 143 -9.01 14.92 -5.73
CA ALA B 143 -9.49 15.62 -4.54
C ALA B 143 -8.36 16.34 -3.77
N ILE B 144 -7.17 15.76 -3.74
CA ILE B 144 -6.06 16.44 -3.09
C ILE B 144 -5.81 17.80 -3.76
N GLN B 145 -5.75 17.81 -5.08
CA GLN B 145 -5.59 19.05 -5.82
C GLN B 145 -6.57 20.13 -5.37
N ARG B 146 -7.86 19.79 -5.38
CA ARG B 146 -8.92 20.75 -5.08
C ARG B 146 -8.83 21.21 -3.65
N LEU B 147 -8.29 20.37 -2.78
CA LEU B 147 -8.29 20.66 -1.36
C LEU B 147 -7.03 21.43 -1.05
N GLN B 148 -5.93 20.98 -1.65
CA GLN B 148 -4.72 21.78 -1.68
C GLN B 148 -5.10 23.25 -1.88
N LYS B 149 -5.62 23.60 -3.07
CA LYS B 149 -5.98 24.99 -3.37
C LYS B 149 -6.94 25.65 -2.35
N ARG B 150 -7.87 24.89 -1.77
CA ARG B 150 -8.83 25.48 -0.83
C ARG B 150 -8.30 25.58 0.60
N ALA B 151 -7.39 24.70 0.97
CA ALA B 151 -6.83 24.73 2.32
C ALA B 151 -5.60 25.66 2.41
N LYS B 152 -5.09 26.06 1.25
CA LYS B 152 -3.99 27.03 1.18
C LYS B 152 -4.44 28.46 1.46
N GLY B 153 -5.72 28.74 1.22
CA GLY B 153 -6.27 30.07 1.53
C GLY B 153 -7.17 30.11 2.75
N GLY B 154 -6.74 29.43 3.82
CA GLY B 154 -7.45 29.46 5.09
C GLY B 154 -8.87 28.89 5.06
N ASP B 155 -9.10 27.84 4.26
CA ASP B 155 -10.27 26.98 4.49
C ASP B 155 -9.96 25.92 5.55
N LYS B 156 -10.91 25.69 6.46
CA LYS B 156 -10.69 24.74 7.55
C LYS B 156 -11.19 23.35 7.23
N GLU B 157 -12.47 23.25 6.84
CA GLU B 157 -13.16 21.96 6.72
C GLU B 157 -12.47 21.10 5.68
N ALA B 158 -11.84 21.77 4.72
CA ALA B 158 -10.96 21.15 3.75
C ALA B 158 -9.69 20.61 4.39
N LYS B 159 -9.25 21.27 5.45
CA LYS B 159 -7.98 20.94 6.11
C LYS B 159 -8.03 19.54 6.72
N PHE B 160 -9.16 19.25 7.36
CA PHE B 160 -9.44 17.88 7.75
C PHE B 160 -9.37 16.96 6.53
N GLU B 161 -10.24 17.22 5.54
CA GLU B 161 -10.42 16.32 4.40
C GLU B 161 -9.09 16.03 3.68
N LEU B 162 -8.30 17.06 3.48
CA LEU B 162 -6.95 16.91 2.98
C LEU B 162 -6.19 15.90 3.85
N SER B 163 -6.05 16.23 5.15
CA SER B 163 -5.44 15.28 6.08
C SER B 163 -5.92 13.82 5.86
N VAL B 164 -7.23 13.58 5.77
CA VAL B 164 -7.71 12.21 5.60
C VAL B 164 -7.24 11.59 4.28
N MET B 165 -7.22 12.42 3.22
CA MET B 165 -6.75 12.06 1.89
C MET B 165 -5.24 11.79 1.89
N GLU B 166 -4.53 12.44 2.82
CA GLU B 166 -3.09 12.24 3.01
C GLU B 166 -2.79 10.84 3.51
N LYS B 167 -3.53 10.38 4.53
CA LYS B 167 -3.51 8.94 4.94
C LYS B 167 -3.79 7.88 3.85
N ILE B 168 -4.79 8.06 2.99
CA ILE B 168 -5.16 6.96 2.12
C ILE B 168 -4.32 6.92 0.84
N LEU B 169 -3.88 8.08 0.36
CA LEU B 169 -2.99 8.12 -0.80
C LEU B 169 -2.08 6.89 -0.96
N PRO B 170 -1.08 6.72 -0.09
CA PRO B 170 -0.03 5.73 -0.39
C PRO B 170 -0.61 4.34 -0.14
N VAL B 171 -1.71 4.28 0.60
CA VAL B 171 -2.44 3.00 0.63
C VAL B 171 -3.02 2.65 -0.74
N LEU B 172 -3.78 3.60 -1.31
CA LEU B 172 -4.22 3.44 -2.71
C LEU B 172 -3.05 3.22 -3.71
N GLU B 173 -2.02 4.05 -3.66
CA GLU B 173 -0.86 3.80 -4.55
C GLU B 173 -0.39 2.34 -4.42
N ASN B 174 -0.49 1.77 -3.24
CA ASN B 174 -0.06 0.39 -3.11
C ASN B 174 -1.19 -0.57 -3.29
N ALA B 175 -2.28 -0.13 -3.95
CA ALA B 175 -3.32 -1.08 -4.30
C ALA B 175 -3.99 -1.61 -3.06
N GLY B 176 -3.88 -0.93 -1.95
CA GLY B 176 -4.67 -1.32 -0.76
C GLY B 176 -6.10 -0.76 -0.68
N MET B 177 -6.91 -1.23 0.27
CA MET B 177 -8.31 -0.84 0.41
C MET B 177 -8.49 0.20 1.53
N ILE B 178 -9.22 1.27 1.26
CA ILE B 178 -9.42 2.31 2.28
C ILE B 178 -10.06 1.76 3.53
N ARG B 179 -10.95 0.78 3.38
CA ARG B 179 -11.56 0.09 4.54
C ARG B 179 -10.60 -0.58 5.56
N SER B 180 -9.33 -0.70 5.21
CA SER B 180 -8.38 -1.48 6.03
C SER B 180 -7.46 -0.46 6.58
N VAL B 181 -7.74 0.78 6.19
CA VAL B 181 -7.19 1.89 6.94
C VAL B 181 -8.08 2.17 8.15
N GLY B 182 -7.48 2.19 9.33
CA GLY B 182 -8.19 2.52 10.57
C GLY B 182 -8.56 3.99 10.67
N LEU B 183 -9.34 4.43 9.68
CA LEU B 183 -9.96 5.75 9.68
C LEU B 183 -10.98 5.82 10.80
N ASP B 184 -11.06 6.94 11.50
CA ASP B 184 -12.05 7.11 12.57
C ASP B 184 -13.27 7.92 12.12
N LYS B 185 -14.34 7.90 12.92
CA LYS B 185 -15.65 8.39 12.45
C LYS B 185 -15.58 9.80 11.88
N GLU B 186 -15.15 10.75 12.69
CA GLU B 186 -14.97 12.10 12.19
C GLU B 186 -14.34 12.12 10.79
N GLU B 187 -13.60 11.06 10.47
CA GLU B 187 -12.76 11.01 9.27
C GLU B 187 -13.45 10.24 8.13
N LEU B 188 -14.08 9.14 8.52
CA LEU B 188 -14.92 8.40 7.61
C LEU B 188 -16.09 9.31 7.19
N GLN B 189 -16.75 9.90 8.19
CA GLN B 189 -17.63 11.04 7.97
C GLN B 189 -17.10 11.95 6.88
N ALA B 190 -15.86 12.39 7.01
CA ALA B 190 -15.44 13.49 6.16
C ALA B 190 -15.13 13.04 4.73
N ILE B 191 -15.17 11.73 4.46
CA ILE B 191 -15.00 11.25 3.08
C ILE B 191 -16.22 10.52 2.50
N LYS B 192 -17.31 10.44 3.28
CA LYS B 192 -18.53 9.76 2.83
C LYS B 192 -18.94 10.34 1.48
N SER B 193 -18.71 11.64 1.34
CA SER B 193 -19.03 12.40 0.15
C SER B 193 -18.52 11.82 -1.16
N TYR B 194 -17.38 11.15 -1.12
CA TYR B 194 -16.68 10.79 -2.33
C TYR B 194 -17.10 9.39 -2.84
N ASN B 195 -17.95 8.68 -2.11
CA ASN B 195 -18.42 7.38 -2.60
C ASN B 195 -17.30 6.39 -3.01
N PHE B 196 -16.27 6.32 -2.17
CA PHE B 196 -15.10 5.47 -2.39
C PHE B 196 -15.46 4.00 -2.54
N LEU B 197 -15.05 3.37 -3.63
CA LEU B 197 -15.33 1.94 -3.88
C LEU B 197 -14.73 1.06 -2.81
N THR B 198 -13.55 1.43 -2.26
CA THR B 198 -12.82 0.53 -1.33
C THR B 198 -13.20 0.68 0.17
N LEU B 199 -14.15 1.59 0.44
CA LEU B 199 -14.81 1.65 1.74
C LEU B 199 -16.10 0.85 1.77
N LYS B 200 -16.56 0.44 0.60
CA LYS B 200 -17.88 -0.18 0.56
C LYS B 200 -17.80 -1.52 1.25
N PRO B 201 -18.61 -1.69 2.26
CA PRO B 201 -18.66 -2.96 2.99
C PRO B 201 -18.62 -4.15 2.02
N THR B 202 -17.90 -5.22 2.39
CA THR B 202 -17.65 -6.35 1.47
C THR B 202 -17.71 -7.70 2.17
N MET B 203 -18.34 -8.68 1.52
CA MET B 203 -18.44 -10.02 2.03
C MET B 203 -17.95 -10.85 0.88
N TYR B 204 -17.32 -11.98 1.18
CA TYR B 204 -16.91 -12.89 0.14
C TYR B 204 -17.94 -13.97 0.09
N ILE B 205 -18.43 -14.17 -1.14
CA ILE B 205 -19.25 -15.32 -1.50
C ILE B 205 -18.32 -16.44 -1.96
N ALA B 206 -18.21 -17.49 -1.16
CA ALA B 206 -17.31 -18.58 -1.53
C ALA B 206 -18.07 -19.69 -2.24
N ASN B 207 -17.86 -19.73 -3.55
CA ASN B 207 -18.24 -20.82 -4.43
C ASN B 207 -17.43 -22.10 -4.17
N VAL B 208 -18.03 -23.04 -3.44
CA VAL B 208 -17.43 -24.35 -3.21
C VAL B 208 -18.19 -25.37 -4.06
N ASN B 209 -17.64 -26.57 -4.17
CA ASN B 209 -18.37 -27.66 -4.82
C ASN B 209 -19.22 -28.46 -3.83
N GLU B 210 -20.05 -29.34 -4.37
CA GLU B 210 -21.14 -29.94 -3.63
C GLU B 210 -20.72 -30.46 -2.26
N ASP B 211 -19.46 -30.88 -2.14
CA ASP B 211 -19.00 -31.56 -0.94
C ASP B 211 -18.20 -30.62 -0.05
N GLY B 212 -18.07 -29.37 -0.50
CA GLY B 212 -16.84 -28.63 -0.32
C GLY B 212 -16.89 -27.64 0.81
N PHE B 213 -17.50 -28.05 1.92
CA PHE B 213 -17.65 -27.17 3.08
C PHE B 213 -16.63 -27.45 4.19
N GLU B 214 -15.80 -28.49 4.00
CA GLU B 214 -14.70 -28.80 4.93
C GLU B 214 -13.43 -29.20 4.20
N ASN B 215 -13.57 -30.13 3.26
CA ASN B 215 -12.48 -30.49 2.36
C ASN B 215 -11.54 -29.33 2.04
N ASN B 216 -12.10 -28.14 1.87
CA ASN B 216 -11.62 -27.19 0.87
C ASN B 216 -10.41 -26.37 1.32
N PRO B 217 -9.32 -26.47 0.56
CA PRO B 217 -8.14 -25.64 0.77
C PRO B 217 -8.38 -24.20 0.33
N TYR B 218 -9.00 -24.01 -0.82
CA TYR B 218 -9.49 -22.69 -1.23
C TYR B 218 -10.32 -22.02 -0.14
N LEU B 219 -11.42 -22.65 0.25
CA LEU B 219 -12.28 -22.06 1.28
C LEU B 219 -11.42 -21.64 2.48
N ASP B 220 -10.45 -22.48 2.84
CA ASP B 220 -9.60 -22.25 4.01
C ASP B 220 -8.88 -20.92 3.88
N ARG B 221 -8.46 -20.62 2.65
CA ARG B 221 -7.57 -19.50 2.33
C ARG B 221 -8.31 -18.17 2.30
N VAL B 222 -9.62 -18.22 2.05
CA VAL B 222 -10.40 -16.99 1.93
C VAL B 222 -10.85 -16.48 3.28
N ARG B 223 -11.39 -17.34 4.11
CA ARG B 223 -11.62 -17.00 5.51
C ARG B 223 -10.29 -16.57 6.14
N GLU B 224 -9.21 -17.11 5.59
CA GLU B 224 -7.84 -16.73 5.94
C GLU B 224 -7.63 -15.25 5.65
N ILE B 225 -7.80 -14.87 4.39
CA ILE B 225 -7.74 -13.47 3.98
C ILE B 225 -8.83 -12.69 4.72
N ALA B 226 -10.09 -12.91 4.33
CA ALA B 226 -11.26 -12.55 5.15
C ALA B 226 -10.92 -12.01 6.53
N ALA B 227 -10.40 -12.90 7.40
CA ALA B 227 -10.37 -12.68 8.85
C ALA B 227 -9.39 -11.59 9.36
N LYS B 228 -8.51 -11.13 8.48
CA LYS B 228 -7.74 -9.92 8.77
C LYS B 228 -8.26 -8.79 7.90
N GLU B 229 -8.93 -9.16 6.82
CA GLU B 229 -9.90 -8.25 6.20
C GLU B 229 -10.98 -7.86 7.21
N GLY B 230 -11.23 -8.73 8.19
CA GLY B 230 -12.31 -8.55 9.15
C GLY B 230 -13.67 -8.96 8.60
N ALA B 231 -13.65 -9.59 7.41
CA ALA B 231 -14.82 -9.71 6.53
C ALA B 231 -15.60 -11.01 6.78
N VAL B 232 -16.88 -11.01 6.41
CA VAL B 232 -17.72 -12.22 6.43
C VAL B 232 -17.44 -13.12 5.21
N VAL B 233 -17.73 -14.40 5.33
CA VAL B 233 -17.55 -15.28 4.16
C VAL B 233 -18.64 -16.32 4.07
N VAL B 234 -19.28 -16.38 2.91
CA VAL B 234 -20.47 -17.19 2.76
C VAL B 234 -20.15 -18.32 1.80
N PRO B 235 -19.81 -19.48 2.38
CA PRO B 235 -19.94 -20.77 1.69
C PRO B 235 -21.31 -20.94 1.07
N VAL B 236 -21.35 -21.04 -0.25
CA VAL B 236 -22.52 -21.49 -0.95
C VAL B 236 -22.02 -22.23 -2.16
N CYS B 237 -22.82 -23.16 -2.67
CA CYS B 237 -22.40 -23.99 -3.78
C CYS B 237 -23.17 -23.61 -5.03
N ALA B 238 -22.46 -23.05 -6.00
CA ALA B 238 -23.09 -22.44 -7.16
C ALA B 238 -24.12 -23.40 -7.73
N ALA B 239 -23.64 -24.55 -8.19
CA ALA B 239 -24.44 -25.46 -8.99
C ALA B 239 -25.69 -25.99 -8.26
N ILE B 240 -25.52 -26.50 -7.05
CA ILE B 240 -26.72 -26.83 -6.26
C ILE B 240 -27.68 -25.65 -6.30
N GLU B 241 -27.23 -24.50 -5.82
CA GLU B 241 -28.12 -23.35 -5.63
C GLU B 241 -28.95 -23.10 -6.87
N SER B 242 -28.40 -23.48 -8.02
CA SER B 242 -29.00 -23.14 -9.31
C SER B 242 -29.91 -24.26 -9.82
N GLU B 243 -29.89 -25.41 -9.15
CA GLU B 243 -30.87 -26.45 -9.44
C GLU B 243 -32.08 -26.29 -8.54
N ILE B 244 -31.84 -26.25 -7.24
CA ILE B 244 -32.82 -25.72 -6.30
C ILE B 244 -33.65 -24.64 -6.98
N ALA B 245 -32.99 -23.82 -7.79
CA ALA B 245 -33.59 -22.62 -8.34
C ALA B 245 -34.81 -22.95 -9.22
N GLU B 246 -34.65 -23.90 -10.14
CA GLU B 246 -35.69 -24.19 -11.11
C GLU B 246 -36.51 -25.43 -10.77
N LEU B 247 -37.30 -25.35 -9.69
CA LEU B 247 -38.29 -26.39 -9.38
C LEU B 247 -39.53 -25.83 -8.70
N ASP B 248 -40.70 -26.20 -9.20
CA ASP B 248 -41.95 -25.73 -8.63
C ASP B 248 -42.05 -26.25 -7.19
N ASP B 249 -42.71 -25.49 -6.33
CA ASP B 249 -42.21 -25.25 -4.98
C ASP B 249 -42.14 -26.52 -4.10
N GLU B 250 -42.63 -27.63 -4.61
CA GLU B 250 -42.87 -28.83 -3.79
C GLU B 250 -41.90 -29.96 -4.10
N GLU B 251 -41.32 -29.93 -5.30
CA GLU B 251 -40.06 -30.62 -5.57
C GLU B 251 -38.83 -29.81 -5.09
N LYS B 252 -39.06 -28.69 -4.41
CA LYS B 252 -37.99 -28.05 -3.64
C LYS B 252 -37.83 -28.74 -2.29
N VAL B 253 -38.94 -28.92 -1.58
CA VAL B 253 -38.92 -29.55 -0.25
C VAL B 253 -38.36 -30.97 -0.34
N GLU B 254 -38.76 -31.69 -1.38
CA GLU B 254 -38.29 -33.05 -1.60
C GLU B 254 -36.84 -33.06 -2.05
N PHE B 255 -36.24 -31.88 -2.20
CA PHE B 255 -34.86 -31.76 -2.68
C PHE B 255 -33.94 -31.39 -1.53
N LEU B 256 -34.46 -30.59 -0.59
CA LEU B 256 -33.73 -30.22 0.60
C LEU B 256 -33.80 -31.37 1.60
N GLN B 257 -34.64 -32.35 1.27
CA GLN B 257 -34.75 -33.56 2.08
C GLN B 257 -33.58 -34.50 1.78
N ASP B 258 -33.58 -35.04 0.57
CA ASP B 258 -32.59 -36.04 0.18
C ASP B 258 -31.20 -35.44 0.21
N LEU B 259 -31.04 -34.38 1.01
CA LEU B 259 -29.93 -33.45 0.82
C LEU B 259 -29.22 -33.13 2.12
N GLY B 260 -29.98 -32.79 3.16
CA GLY B 260 -29.37 -32.34 4.40
C GLY B 260 -29.88 -31.01 4.94
N ILE B 261 -30.16 -30.03 4.08
CA ILE B 261 -30.52 -28.69 4.56
C ILE B 261 -32.00 -28.41 4.79
N GLU B 262 -32.26 -27.42 5.63
CA GLU B 262 -33.56 -26.78 5.79
C GLU B 262 -33.95 -26.02 4.53
N GLU B 263 -32.99 -25.26 4.01
CA GLU B 263 -33.28 -24.15 3.13
C GLU B 263 -32.11 -23.97 2.20
N PRO B 264 -32.38 -23.52 0.98
CA PRO B 264 -31.31 -23.27 -0.01
C PRO B 264 -30.26 -22.40 0.64
N GLY B 265 -28.98 -22.56 0.29
CA GLY B 265 -27.94 -21.75 0.94
C GLY B 265 -27.90 -20.31 0.43
N LEU B 266 -28.51 -20.10 -0.73
CA LEU B 266 -28.80 -18.75 -1.17
C LEU B 266 -29.34 -17.96 0.02
N ASN B 267 -30.10 -18.60 0.89
CA ASN B 267 -30.72 -17.79 1.96
C ASN B 267 -29.70 -17.17 2.93
N ARG B 268 -28.49 -17.74 3.00
CA ARG B 268 -27.45 -17.33 3.94
C ARG B 268 -26.70 -16.15 3.32
N VAL B 269 -26.50 -16.20 2.00
CA VAL B 269 -26.03 -15.04 1.24
C VAL B 269 -26.96 -13.82 1.39
N ILE B 270 -28.26 -14.08 1.22
CA ILE B 270 -29.27 -13.05 1.37
C ILE B 270 -29.28 -12.38 2.77
N ARG B 271 -29.24 -13.18 3.81
CA ARG B 271 -29.11 -12.60 5.15
C ARG B 271 -27.83 -11.75 5.30
N ALA B 272 -26.72 -12.21 4.72
CA ALA B 272 -25.43 -11.55 4.97
C ALA B 272 -25.33 -10.23 4.20
N GLY B 273 -25.70 -10.25 2.91
CA GLY B 273 -26.04 -9.06 2.15
C GLY B 273 -26.80 -8.07 2.99
N TYR B 274 -27.89 -8.55 3.58
CA TYR B 274 -28.75 -7.68 4.41
C TYR B 274 -28.00 -7.08 5.62
N ALA B 275 -27.29 -7.92 6.37
CA ALA B 275 -26.40 -7.40 7.43
C ALA B 275 -25.29 -6.52 6.90
N LEU B 276 -24.67 -6.96 5.81
CA LEU B 276 -23.62 -6.18 5.17
C LEU B 276 -24.09 -4.76 4.88
N LEU B 277 -25.38 -4.62 4.57
CA LEU B 277 -25.91 -3.30 4.24
C LEU B 277 -26.17 -2.46 5.47
N ASN B 278 -26.01 -3.05 6.65
CA ASN B 278 -26.38 -2.35 7.86
C ASN B 278 -27.89 -2.16 7.96
N LEU B 279 -28.63 -3.24 7.72
CA LEU B 279 -30.09 -3.15 7.62
C LEU B 279 -30.63 -4.08 8.68
N GLN B 280 -31.66 -3.62 9.37
CA GLN B 280 -32.31 -4.45 10.36
C GLN B 280 -33.82 -4.43 10.12
N THR B 281 -34.44 -5.56 10.40
CA THR B 281 -35.86 -5.80 10.43
C THR B 281 -36.48 -5.43 11.78
N TYR B 282 -37.62 -4.75 11.74
CA TYR B 282 -38.57 -4.85 12.84
C TYR B 282 -39.92 -5.42 12.38
N PHE B 283 -40.89 -5.50 13.27
CA PHE B 283 -42.11 -6.23 12.96
C PHE B 283 -43.33 -5.45 13.41
N THR B 284 -44.37 -5.44 12.58
CA THR B 284 -45.72 -5.14 13.06
C THR B 284 -46.42 -6.47 13.09
N ALA B 285 -47.31 -6.66 14.06
CA ALA B 285 -47.94 -7.97 14.23
C ALA B 285 -49.42 -7.91 14.56
N GLY B 286 -50.14 -8.92 14.08
CA GLY B 286 -51.35 -9.40 14.77
C GLY B 286 -52.46 -9.83 13.83
N VAL B 287 -53.71 -9.61 14.27
CA VAL B 287 -54.85 -9.40 13.37
C VAL B 287 -54.70 -10.08 12.00
N LYS B 288 -54.52 -9.29 10.95
CA LYS B 288 -54.59 -9.83 9.60
C LYS B 288 -53.22 -10.04 8.97
N GLU B 289 -52.17 -9.73 9.72
CA GLU B 289 -50.87 -9.53 9.10
C GLU B 289 -49.73 -9.55 10.09
N VAL B 290 -48.77 -10.47 9.92
CA VAL B 290 -47.42 -10.27 10.42
C VAL B 290 -46.51 -9.73 9.33
N ARG B 291 -45.75 -8.69 9.69
CA ARG B 291 -44.93 -8.02 8.70
C ARG B 291 -43.58 -7.57 9.16
N ALA B 292 -42.55 -8.02 8.47
CA ALA B 292 -41.21 -7.48 8.60
C ALA B 292 -41.06 -6.22 7.77
N TRP B 293 -40.68 -5.13 8.44
CA TRP B 293 -40.25 -3.89 7.84
C TRP B 293 -38.72 -3.66 8.01
N THR B 294 -38.12 -2.94 7.06
CA THR B 294 -36.69 -2.82 6.96
C THR B 294 -36.25 -1.44 7.36
N VAL B 295 -35.24 -1.36 8.20
CA VAL B 295 -34.77 -0.06 8.64
C VAL B 295 -33.24 -0.11 8.65
N SER B 296 -32.59 1.05 8.53
CA SER B 296 -31.15 1.13 8.85
C SER B 296 -30.84 0.86 10.35
N VAL B 297 -29.79 0.08 10.65
CA VAL B 297 -29.34 -0.08 12.05
C VAL B 297 -29.21 1.27 12.69
N GLY B 298 -29.66 1.42 13.93
CA GLY B 298 -29.63 2.73 14.57
C GLY B 298 -30.64 3.81 14.14
N ALA B 299 -31.69 3.41 13.40
CA ALA B 299 -32.80 4.33 13.13
C ALA B 299 -33.60 4.71 14.41
N THR B 300 -34.03 5.98 14.52
CA THR B 300 -34.99 6.32 15.58
C THR B 300 -36.39 5.73 15.33
N ALA B 301 -37.36 6.19 16.11
CA ALA B 301 -38.66 5.55 16.11
C ALA B 301 -39.45 6.05 14.93
N PRO B 302 -39.50 7.37 14.77
CA PRO B 302 -40.12 8.06 13.62
C PRO B 302 -39.52 7.86 12.23
N LYS B 303 -38.20 7.84 12.10
CA LYS B 303 -37.55 7.31 10.91
C LYS B 303 -38.05 5.88 10.60
N ALA B 304 -37.97 4.97 11.57
CA ALA B 304 -38.60 3.67 11.40
C ALA B 304 -40.05 3.79 10.96
N ALA B 305 -40.81 4.68 11.60
CA ALA B 305 -42.27 4.70 11.38
C ALA B 305 -42.60 5.24 10.00
N ALA B 306 -41.76 6.16 9.51
CA ALA B 306 -42.04 6.83 8.26
C ALA B 306 -41.91 5.83 7.10
N VAL B 307 -41.32 4.67 7.38
CA VAL B 307 -41.30 3.58 6.43
C VAL B 307 -42.73 3.14 6.09
N ILE B 308 -43.59 3.17 7.08
CA ILE B 308 -44.93 2.66 6.91
C ILE B 308 -45.79 3.78 6.33
N HIS B 309 -45.57 5.00 6.79
CA HIS B 309 -46.35 6.16 6.32
C HIS B 309 -45.62 7.47 6.57
N THR B 310 -45.57 8.31 5.56
CA THR B 310 -44.69 9.47 5.60
C THR B 310 -45.09 10.51 6.68
N ASP B 311 -46.38 10.62 6.95
CA ASP B 311 -46.89 11.55 7.93
C ASP B 311 -46.26 11.24 9.27
N PHE B 312 -45.78 10.03 9.47
CA PHE B 312 -45.29 9.65 10.80
C PHE B 312 -44.03 10.48 11.18
N GLU B 313 -43.45 11.16 10.19
CA GLU B 313 -42.21 11.91 10.42
C GLU B 313 -42.49 13.27 11.08
N LYS B 314 -43.59 13.90 10.70
CA LYS B 314 -44.03 15.05 11.45
C LYS B 314 -44.97 14.66 12.60
N GLY B 315 -45.42 13.41 12.60
CA GLY B 315 -46.77 13.09 13.08
C GLY B 315 -46.67 12.02 14.13
N PHE B 316 -45.48 11.47 14.29
CA PHE B 316 -45.25 10.50 15.34
C PHE B 316 -45.73 11.12 16.66
N ILE B 317 -46.18 10.25 17.55
CA ILE B 317 -46.44 10.61 18.91
C ILE B 317 -45.71 9.66 19.84
N ARG B 318 -45.91 8.35 19.63
CA ARG B 318 -45.16 7.40 20.43
C ARG B 318 -45.15 6.02 19.77
N ALA B 319 -44.26 5.14 20.22
CA ALA B 319 -44.29 3.75 19.78
C ALA B 319 -44.51 2.79 20.92
N GLU B 320 -45.22 1.72 20.62
CA GLU B 320 -45.46 0.66 21.58
C GLU B 320 -44.58 -0.49 21.18
N VAL B 321 -43.55 -0.71 21.99
CA VAL B 321 -42.46 -1.59 21.58
C VAL B 321 -42.35 -2.78 22.52
N ILE B 322 -42.46 -3.98 21.96
CA ILE B 322 -41.93 -5.17 22.61
C ILE B 322 -40.66 -5.65 21.94
N ALA B 323 -39.67 -6.03 22.75
CA ALA B 323 -38.48 -6.69 22.21
C ALA B 323 -38.90 -8.03 21.70
N TYR B 324 -38.31 -8.43 20.57
CA TYR B 324 -38.55 -9.76 20.09
C TYR B 324 -38.62 -10.73 21.27
N GLU B 325 -37.45 -11.00 21.86
CA GLU B 325 -37.26 -11.95 22.96
C GLU B 325 -38.53 -12.01 23.80
N ASP B 326 -38.89 -10.88 24.40
CA ASP B 326 -40.15 -10.75 25.10
C ASP B 326 -41.26 -11.43 24.32
N PHE B 327 -41.61 -10.89 23.16
CA PHE B 327 -42.83 -11.30 22.44
C PHE B 327 -42.86 -12.82 22.38
N ILE B 328 -41.70 -13.41 22.12
CA ILE B 328 -41.60 -14.86 22.07
C ILE B 328 -41.78 -15.49 23.45
N GLN B 329 -41.24 -14.84 24.48
CA GLN B 329 -41.19 -15.42 25.82
C GLN B 329 -42.53 -15.35 26.56
N PHE B 330 -43.09 -14.15 26.68
CA PHE B 330 -44.43 -13.96 27.23
C PHE B 330 -45.55 -14.23 26.21
N ASN B 331 -45.14 -14.67 25.03
CA ASN B 331 -46.05 -15.30 24.08
C ASN B 331 -47.14 -14.39 23.48
N GLY B 332 -46.69 -13.27 22.92
CA GLY B 332 -47.61 -12.31 22.33
C GLY B 332 -47.64 -11.00 23.08
N GLU B 333 -48.71 -10.24 22.91
CA GLU B 333 -48.72 -8.84 23.30
C GLU B 333 -49.21 -8.58 24.71
N ASN B 334 -50.49 -8.89 24.97
CA ASN B 334 -51.03 -8.65 26.31
C ASN B 334 -50.20 -9.43 27.32
N GLY B 335 -49.77 -10.63 26.93
CA GLY B 335 -48.94 -11.49 27.76
C GLY B 335 -47.59 -10.89 28.09
N ALA B 336 -47.12 -10.01 27.22
CA ALA B 336 -45.92 -9.23 27.51
C ALA B 336 -46.27 -7.97 28.28
N LYS B 337 -47.52 -7.55 28.23
CA LYS B 337 -47.94 -6.35 28.94
C LYS B 337 -48.30 -6.69 30.39
N GLU B 338 -48.48 -7.97 30.66
CA GLU B 338 -48.68 -8.43 32.02
C GLU B 338 -47.33 -8.61 32.70
N ALA B 339 -46.31 -9.02 31.95
CA ALA B 339 -44.93 -8.96 32.42
C ALA B 339 -44.39 -7.54 32.38
N GLY B 340 -45.24 -6.58 32.04
CA GLY B 340 -44.82 -5.20 31.90
C GLY B 340 -43.59 -5.03 31.02
N LYS B 341 -43.69 -5.50 29.77
CA LYS B 341 -42.57 -5.41 28.81
C LYS B 341 -42.89 -4.52 27.61
N TRP B 342 -44.17 -4.22 27.46
CA TRP B 342 -44.64 -3.07 26.71
C TRP B 342 -44.00 -1.80 27.24
N ARG B 343 -43.44 -0.98 26.34
CA ARG B 343 -43.14 0.39 26.74
C ARG B 343 -43.70 1.40 25.76
N LEU B 344 -44.11 2.57 26.26
CA LEU B 344 -44.24 3.69 25.37
C LEU B 344 -42.83 4.17 25.11
N GLU B 345 -42.47 4.29 23.82
CA GLU B 345 -41.20 4.86 23.43
C GLU B 345 -41.40 6.20 22.80
N GLY B 346 -40.39 7.04 22.80
CA GLY B 346 -40.59 8.37 22.29
C GLY B 346 -39.66 8.57 21.09
N LYS B 347 -39.52 9.82 20.68
CA LYS B 347 -39.08 10.16 19.34
C LYS B 347 -37.57 10.04 19.30
N ASP B 348 -37.01 9.66 20.44
CA ASP B 348 -35.58 9.51 20.68
C ASP B 348 -35.27 8.04 20.57
N TYR B 349 -36.28 7.21 20.81
CA TYR B 349 -36.04 5.80 20.94
C TYR B 349 -35.28 5.32 19.69
N ILE B 350 -34.38 4.36 19.87
CA ILE B 350 -33.57 3.89 18.74
C ILE B 350 -33.96 2.46 18.56
N VAL B 351 -34.54 2.13 17.40
CA VAL B 351 -35.21 0.87 17.32
C VAL B 351 -34.17 -0.22 17.22
N GLN B 352 -34.45 -1.38 17.79
CA GLN B 352 -33.47 -2.45 17.78
C GLN B 352 -33.99 -3.73 17.10
N ASP B 353 -33.06 -4.51 16.57
CA ASP B 353 -33.42 -5.74 15.90
C ASP B 353 -34.69 -6.35 16.43
N GLY B 354 -35.57 -6.72 15.50
CA GLY B 354 -36.63 -7.66 15.77
C GLY B 354 -37.75 -7.11 16.63
N ASP B 355 -37.74 -5.80 16.85
CA ASP B 355 -38.75 -5.18 17.70
C ASP B 355 -40.13 -5.31 17.07
N VAL B 356 -41.04 -5.84 17.86
CA VAL B 356 -42.46 -5.74 17.57
C VAL B 356 -42.97 -4.40 18.00
N MET B 357 -43.38 -3.58 17.04
CA MET B 357 -43.87 -2.24 17.32
C MET B 357 -45.26 -1.94 16.78
N HIS B 358 -45.91 -0.93 17.36
CA HIS B 358 -47.12 -0.33 16.83
C HIS B 358 -46.97 1.16 17.04
N PHE B 359 -47.15 1.93 15.99
CA PHE B 359 -46.93 3.36 16.10
C PHE B 359 -48.27 4.04 16.36
N ARG B 360 -48.24 5.25 16.89
CA ARG B 360 -49.46 5.93 17.26
C ARG B 360 -49.40 7.32 16.70
N PHE B 361 -50.47 7.82 16.12
CA PHE B 361 -50.48 9.22 15.73
C PHE B 361 -51.74 9.90 16.27
N ASN B 362 -52.59 9.11 16.92
CA ASN B 362 -53.74 9.65 17.64
C ASN B 362 -53.83 9.25 19.11
N VAL B 363 -53.68 10.27 19.97
CA VAL B 363 -53.79 10.13 21.44
C VAL B 363 -53.80 8.68 21.90
#